data_2C1O
#
_entry.id   2C1O
#
_cell.length_a   71.805
_cell.length_b   88.680
_cell.length_c   141.441
_cell.angle_alpha   90.00
_cell.angle_beta   90.00
_cell.angle_gamma   90.00
#
_symmetry.space_group_name_H-M   'P 21 21 21'
#
loop_
_entity.id
_entity.type
_entity.pdbx_description
1 polymer 'IGK-C PROTEIN'
2 polymer 'IGH-4 PROTEIN'
3 water water
#
loop_
_entity_poly.entity_id
_entity_poly.type
_entity_poly.pdbx_seq_one_letter_code
_entity_poly.pdbx_strand_id
1 'polypeptide(L)'
;VQLQQSGAELVRPGTSVKLSCKASGYSFTNYWMNWLRELVMTQSPLTLSVTIGQPASISCKSSQSLLYSNGKTYLNWLLQ
RPGQSPKRLIYLVSKLDSGDPDRFTGSGSGTDFTLKISRVEAEDLGIYYCVQGSHFPPTFGAGTKLELKRADAAPTVSIF
PPSSEQLTSGGASVVCFLNNFYPKDINVKWKIDGSERQNGVLNSWTDQDSKDSTYSMSSTLTLTKDEYERHNSYTCEATH
KTSTSPIVKSFNRN
;
A,L
2 'polypeptide(L)'
;EVQLQQSGAELVRPGTSVKLSCKASGYSFTNYWMNWLRQRPGQGLDWIGMIHPSDSETRLNQKFKDKATLTVDRSSSTAY
IQLSSPTSEDSAVYYCARDDYDGAFWGQGTLVTVSAAKTTPPSVYPLAPGSAAQTNSMVTLGCLVKGYFPAPVTVTWNSG
SLSSGVHTFPAVLQSDLYTLSSSVTVPSSTWPSETVTCNVAHPASSTKVDKKIVPRDC
;
B,H
#
# COMPACT_ATOMS: atom_id res chain seq x y z
N GLU A 38 -7.39 14.41 45.98
CA GLU A 38 -6.77 15.59 45.29
C GLU A 38 -7.79 16.72 45.19
N LEU A 39 -7.38 17.87 44.66
CA LEU A 39 -8.28 19.01 44.52
C LEU A 39 -8.93 18.97 43.14
N VAL A 40 -10.26 19.11 43.09
CA VAL A 40 -10.99 19.06 41.83
C VAL A 40 -11.70 20.36 41.49
N MET A 41 -11.49 20.82 40.25
CA MET A 41 -12.06 22.05 39.75
C MET A 41 -13.20 21.77 38.77
N THR A 42 -14.42 22.06 39.18
CA THR A 42 -15.56 21.83 38.30
C THR A 42 -15.99 23.13 37.65
N GLN A 43 -15.65 23.29 36.38
CA GLN A 43 -16.02 24.48 35.64
C GLN A 43 -17.31 24.18 34.90
N SER A 44 -18.03 25.22 34.48
CA SER A 44 -19.26 25.02 33.73
C SER A 44 -19.86 26.32 33.22
N PRO A 45 -20.59 26.25 32.09
CA PRO A 45 -20.84 25.02 31.33
C PRO A 45 -19.61 24.62 30.52
N LEU A 46 -19.57 23.39 30.03
CA LEU A 46 -18.42 22.95 29.26
C LEU A 46 -18.27 23.80 28.00
N THR A 47 -19.40 24.20 27.43
CA THR A 47 -19.35 25.04 26.25
C THR A 47 -20.40 26.12 26.41
N LEU A 48 -19.97 27.38 26.34
CA LEU A 48 -20.91 28.46 26.48
C LEU A 48 -21.21 29.03 25.11
N SER A 49 -22.48 29.28 24.88
CA SER A 49 -22.94 29.84 23.63
C SER A 49 -23.19 31.31 23.92
N VAL A 50 -22.37 32.15 23.33
CA VAL A 50 -22.46 33.57 23.53
C VAL A 50 -22.92 34.25 22.25
N THR A 51 -23.14 35.56 22.33
CA THR A 51 -23.56 36.32 21.17
C THR A 51 -22.77 37.62 21.20
N ILE A 52 -21.91 37.82 20.20
CA ILE A 52 -21.08 39.02 20.12
C ILE A 52 -21.81 40.29 20.57
N GLY A 53 -21.23 40.98 21.53
CA GLY A 53 -21.84 42.19 22.05
C GLY A 53 -22.60 41.88 23.34
N GLN A 54 -23.04 40.64 23.48
CA GLN A 54 -23.77 40.20 24.67
C GLN A 54 -22.81 39.80 25.79
N PRO A 55 -23.31 39.71 27.03
CA PRO A 55 -22.48 39.35 28.17
C PRO A 55 -22.36 37.83 28.34
N ALA A 56 -21.39 37.42 29.15
CA ALA A 56 -21.17 36.00 29.40
C ALA A 56 -20.67 35.70 30.81
N SER A 57 -21.09 34.55 31.33
CA SER A 57 -20.70 34.15 32.69
C SER A 57 -20.34 32.67 32.76
N ILE A 58 -19.14 32.41 33.29
CA ILE A 58 -18.60 31.06 33.44
C ILE A 58 -18.41 30.76 34.92
N SER A 59 -18.71 29.52 35.33
CA SER A 59 -18.57 29.14 36.72
C SER A 59 -17.48 28.11 36.99
N CYS A 60 -16.79 28.29 38.10
CA CYS A 60 -15.72 27.38 38.50
C CYS A 60 -15.75 27.15 40.02
N LYS A 61 -16.00 25.90 40.40
CA LYS A 61 -16.08 25.52 41.80
C LYS A 61 -14.91 24.61 42.16
N SER A 62 -14.49 24.63 43.42
CA SER A 62 -13.39 23.78 43.86
C SER A 62 -13.87 22.77 44.88
N SER A 63 -13.33 21.56 44.81
CA SER A 63 -13.73 20.50 45.73
C SER A 63 -13.36 20.84 47.17
N GLN A 64 -12.66 21.96 47.36
CA GLN A 64 -12.25 22.39 48.69
C GLN A 64 -11.96 23.89 48.63
N SER A 65 -11.82 24.53 49.79
CA SER A 65 -11.53 25.96 49.81
C SER A 65 -10.11 26.27 49.36
N LEU A 66 -9.96 27.41 48.73
CA LEU A 66 -8.65 27.85 48.25
C LEU A 66 -8.22 29.00 49.12
N LEU A 67 -9.06 29.34 50.09
CA LEU A 67 -8.79 30.40 51.04
C LEU A 67 -7.59 29.94 51.87
N TYR A 68 -6.42 30.49 51.57
CA TYR A 68 -5.21 30.09 52.28
C TYR A 68 -4.97 30.78 53.61
N SER A 69 -4.00 30.24 54.36
CA SER A 69 -3.62 30.73 55.67
C SER A 69 -3.36 32.24 55.76
N ASN A 70 -2.79 32.84 54.71
CA ASN A 70 -2.57 34.28 54.78
C ASN A 70 -3.90 34.98 54.43
N GLY A 71 -3.95 35.68 53.31
CA GLY A 71 -5.18 36.34 52.92
C GLY A 71 -5.50 36.02 51.47
N LYS A 72 -4.51 35.46 50.79
CA LYS A 72 -4.63 35.11 49.39
C LYS A 72 -5.35 33.79 49.09
N THR A 73 -6.34 33.85 48.19
CA THR A 73 -7.05 32.65 47.74
C THR A 73 -6.52 32.56 46.31
N TYR A 74 -5.69 31.55 46.05
CA TYR A 74 -5.08 31.35 44.74
C TYR A 74 -6.01 30.76 43.67
N LEU A 75 -6.52 31.63 42.80
CA LEU A 75 -7.40 31.20 41.71
C LEU A 75 -7.32 32.13 40.49
N ASN A 76 -6.83 31.60 39.37
CA ASN A 76 -6.70 32.40 38.16
C ASN A 76 -7.50 31.80 37.00
N TRP A 77 -7.64 32.61 35.95
CA TRP A 77 -8.31 32.19 34.73
C TRP A 77 -7.37 32.46 33.56
N LEU A 78 -7.32 31.53 32.62
CA LEU A 78 -6.49 31.71 31.45
C LEU A 78 -7.40 31.61 30.28
N LEU A 79 -6.94 32.11 29.14
CA LEU A 79 -7.70 32.06 27.92
C LEU A 79 -6.80 31.57 26.81
N GLN A 80 -7.18 30.46 26.20
CA GLN A 80 -6.41 29.90 25.12
C GLN A 80 -7.21 30.11 23.84
N ARG A 81 -6.76 31.05 23.02
CA ARG A 81 -7.44 31.30 21.75
C ARG A 81 -6.93 30.18 20.86
N PRO A 82 -7.78 29.68 19.96
CA PRO A 82 -7.39 28.59 19.06
C PRO A 82 -5.99 28.74 18.46
N GLY A 83 -5.20 27.68 18.59
CA GLY A 83 -3.84 27.69 18.04
C GLY A 83 -2.82 28.49 18.85
N GLN A 84 -3.25 29.07 19.97
CA GLN A 84 -2.34 29.87 20.78
C GLN A 84 -2.01 29.15 22.09
N SER A 85 -1.09 29.72 22.84
CA SER A 85 -0.71 29.17 24.13
C SER A 85 -1.59 29.84 25.19
N PRO A 86 -1.89 29.14 26.29
CA PRO A 86 -2.72 29.74 27.33
C PRO A 86 -2.21 31.12 27.77
N LYS A 87 -3.14 32.05 27.99
CA LYS A 87 -2.77 33.40 28.41
C LYS A 87 -3.55 33.71 29.66
N ARG A 88 -2.84 33.89 30.77
CA ARG A 88 -3.50 34.21 32.02
C ARG A 88 -4.20 35.55 31.89
N LEU A 89 -5.45 35.61 32.34
CA LEU A 89 -6.23 36.85 32.28
C LEU A 89 -6.46 37.48 33.64
N ILE A 90 -6.81 36.64 34.62
CA ILE A 90 -7.04 37.11 35.98
C ILE A 90 -6.24 36.24 36.95
N TYR A 91 -5.77 36.87 38.02
CA TYR A 91 -4.99 36.18 39.05
C TYR A 91 -5.48 36.67 40.41
N LEU A 92 -5.57 35.75 41.36
CA LEU A 92 -6.03 36.07 42.70
C LEU A 92 -7.48 36.54 42.64
N VAL A 93 -8.32 35.65 42.12
CA VAL A 93 -9.76 35.85 41.97
C VAL A 93 -10.27 37.00 41.12
N SER A 94 -9.73 38.20 41.29
CA SER A 94 -10.27 39.32 40.54
C SER A 94 -9.29 40.32 39.97
N LYS A 95 -8.00 40.07 40.11
CA LYS A 95 -7.04 41.01 39.57
C LYS A 95 -6.78 40.78 38.09
N LEU A 96 -7.06 41.80 37.26
CA LEU A 96 -6.84 41.71 35.82
C LEU A 96 -5.36 41.81 35.48
N ASP A 97 -4.95 41.13 34.41
CA ASP A 97 -3.57 41.20 33.97
C ASP A 97 -3.36 42.38 33.03
N SER A 98 -2.12 42.59 32.64
CA SER A 98 -1.76 43.68 31.75
C SER A 98 -2.52 43.69 30.43
N GLY A 99 -3.13 44.83 30.11
CA GLY A 99 -3.84 44.93 28.86
C GLY A 99 -5.09 44.08 28.80
N ASP A 100 -5.80 44.07 29.91
CA ASP A 100 -7.03 43.31 30.00
C ASP A 100 -8.22 44.21 30.06
N PRO A 101 -9.02 44.23 28.99
CA PRO A 101 -10.20 45.08 28.94
C PRO A 101 -11.00 44.88 30.22
N ASP A 102 -11.46 45.97 30.80
CA ASP A 102 -12.25 45.88 32.02
C ASP A 102 -13.54 45.14 31.72
N ARG A 103 -13.63 44.54 30.54
CA ARG A 103 -14.81 43.79 30.13
C ARG A 103 -14.84 42.45 30.88
N PHE A 104 -13.65 41.95 31.23
CA PHE A 104 -13.53 40.71 31.97
C PHE A 104 -13.51 41.03 33.46
N THR A 105 -14.25 40.28 34.25
CA THR A 105 -14.31 40.50 35.69
C THR A 105 -14.36 39.20 36.46
N GLY A 106 -13.34 38.99 37.28
CA GLY A 106 -13.28 37.79 38.09
C GLY A 106 -13.80 38.15 39.47
N SER A 107 -14.33 37.14 40.17
CA SER A 107 -14.88 37.33 41.51
C SER A 107 -15.19 35.96 42.08
N GLY A 108 -15.28 35.89 43.40
CA GLY A 108 -15.59 34.62 44.04
C GLY A 108 -15.04 34.51 45.44
N SER A 109 -15.36 33.43 46.13
CA SER A 109 -14.90 33.28 47.49
C SER A 109 -14.90 31.82 47.98
N GLY A 110 -13.76 31.37 48.48
CA GLY A 110 -13.65 30.02 49.00
C GLY A 110 -13.69 28.87 48.01
N THR A 111 -14.88 28.50 47.55
CA THR A 111 -15.01 27.41 46.61
C THR A 111 -15.72 27.81 45.32
N ASP A 112 -16.52 28.87 45.39
CA ASP A 112 -17.27 29.32 44.23
C ASP A 112 -16.64 30.56 43.59
N PHE A 113 -16.42 30.50 42.28
CA PHE A 113 -15.82 31.61 41.54
C PHE A 113 -16.45 31.78 40.19
N THR A 114 -16.44 33.01 39.69
CA THR A 114 -17.05 33.31 38.41
C THR A 114 -16.25 34.31 37.60
N LEU A 115 -16.27 34.10 36.29
CA LEU A 115 -15.61 34.97 35.35
C LEU A 115 -16.75 35.51 34.50
N LYS A 116 -16.75 36.82 34.29
CA LYS A 116 -17.80 37.45 33.50
C LYS A 116 -17.21 38.34 32.42
N ILE A 117 -17.96 38.49 31.34
CA ILE A 117 -17.56 39.33 30.23
C ILE A 117 -18.79 40.17 29.96
N SER A 118 -18.69 41.47 30.18
CA SER A 118 -19.80 42.40 29.98
C SER A 118 -20.37 42.35 28.57
N ARG A 119 -19.51 42.19 27.57
CA ARG A 119 -19.92 42.11 26.18
C ARG A 119 -18.92 41.34 25.34
N VAL A 120 -19.20 40.07 25.11
CA VAL A 120 -18.33 39.20 24.35
C VAL A 120 -17.92 39.74 22.99
N GLU A 121 -16.61 39.76 22.76
CA GLU A 121 -16.05 40.21 21.48
C GLU A 121 -15.44 39.01 20.82
N ALA A 122 -15.43 39.00 19.49
CA ALA A 122 -14.87 37.91 18.72
C ALA A 122 -13.61 37.32 19.35
N GLU A 123 -12.64 38.18 19.60
CA GLU A 123 -11.36 37.78 20.17
C GLU A 123 -11.45 37.02 21.49
N ASP A 124 -12.59 37.09 22.17
CA ASP A 124 -12.72 36.40 23.44
C ASP A 124 -12.96 34.91 23.24
N LEU A 125 -13.48 34.54 22.08
CA LEU A 125 -13.78 33.15 21.80
C LEU A 125 -12.58 32.22 21.99
N GLY A 126 -12.85 31.07 22.61
CA GLY A 126 -11.82 30.10 22.88
C GLY A 126 -12.19 29.31 24.10
N ILE A 127 -11.18 28.72 24.73
CA ILE A 127 -11.38 27.93 25.93
C ILE A 127 -10.84 28.71 27.13
N TYR A 128 -11.69 28.88 28.14
CA TYR A 128 -11.29 29.59 29.34
C TYR A 128 -10.95 28.56 30.41
N TYR A 129 -9.80 28.72 31.06
CA TYR A 129 -9.39 27.78 32.07
C TYR A 129 -9.32 28.35 33.46
N CYS A 130 -9.67 27.49 34.41
CA CYS A 130 -9.69 27.80 35.81
C CYS A 130 -8.54 27.02 36.42
N VAL A 131 -7.79 27.64 37.33
CA VAL A 131 -6.65 26.96 37.98
C VAL A 131 -6.45 27.40 39.44
N GLN A 132 -6.20 26.42 40.32
CA GLN A 132 -6.00 26.71 41.73
C GLN A 132 -4.58 26.41 42.20
N GLY A 133 -4.08 27.22 43.13
CA GLY A 133 -2.74 27.03 43.66
C GLY A 133 -2.63 26.97 45.16
N SER A 134 -3.76 26.96 45.86
CA SER A 134 -3.75 26.90 47.32
C SER A 134 -3.44 25.46 47.75
N HIS A 135 -3.86 24.51 46.93
CA HIS A 135 -3.63 23.10 47.24
C HIS A 135 -2.62 22.53 46.27
N PHE A 136 -1.94 21.49 46.70
CA PHE A 136 -0.92 20.88 45.87
C PHE A 136 -1.24 19.45 45.50
N PRO A 137 -1.03 19.10 44.21
CA PRO A 137 -0.54 20.02 43.18
C PRO A 137 -1.63 20.93 42.62
N PRO A 138 -1.21 22.04 41.98
CA PRO A 138 -2.17 22.99 41.41
C PRO A 138 -3.00 22.22 40.36
N THR A 139 -4.26 22.59 40.20
CA THR A 139 -5.14 21.89 39.26
C THR A 139 -6.02 22.79 38.43
N PHE A 140 -6.35 22.33 37.24
CA PHE A 140 -7.21 23.06 36.30
C PHE A 140 -8.61 22.46 36.21
N GLY A 141 -9.53 23.25 35.65
CA GLY A 141 -10.87 22.78 35.42
C GLY A 141 -10.81 22.32 33.96
N ALA A 142 -11.80 21.59 33.49
CA ALA A 142 -11.81 21.09 32.11
C ALA A 142 -11.79 22.20 31.03
N GLY A 143 -12.09 23.43 31.44
CA GLY A 143 -12.09 24.53 30.50
C GLY A 143 -13.49 24.76 29.98
N THR A 144 -13.81 26.00 29.68
CA THR A 144 -15.12 26.30 29.14
C THR A 144 -14.88 26.89 27.76
N LYS A 145 -15.54 26.31 26.76
CA LYS A 145 -15.38 26.76 25.39
C LYS A 145 -16.49 27.70 24.95
N LEU A 146 -16.08 28.86 24.47
CA LEU A 146 -17.05 29.82 23.98
C LEU A 146 -17.40 29.44 22.56
N GLU A 147 -18.68 29.50 22.25
CA GLU A 147 -19.14 29.18 20.92
C GLU A 147 -20.27 30.15 20.59
N LEU A 148 -20.36 30.54 19.33
CA LEU A 148 -21.40 31.44 18.91
C LEU A 148 -22.71 30.69 18.75
N LYS A 149 -23.77 31.20 19.37
CA LYS A 149 -25.07 30.59 19.27
C LYS A 149 -25.68 30.90 17.90
N ARG A 150 -26.67 30.10 17.52
CA ARG A 150 -27.38 30.26 16.27
C ARG A 150 -28.65 29.45 16.38
N ALA A 151 -29.32 29.19 15.27
CA ALA A 151 -30.56 28.44 15.31
C ALA A 151 -30.38 26.97 15.10
N ASP A 152 -31.11 26.18 15.88
CA ASP A 152 -31.04 24.73 15.79
C ASP A 152 -31.16 24.29 14.36
N ALA A 153 -30.38 23.27 14.00
CA ALA A 153 -30.37 22.73 12.65
C ALA A 153 -30.20 21.21 12.72
N ALA A 154 -31.14 20.48 12.12
CA ALA A 154 -31.03 19.03 12.13
C ALA A 154 -29.79 18.71 11.32
N PRO A 155 -29.21 17.53 11.54
CA PRO A 155 -28.01 17.14 10.80
C PRO A 155 -28.37 16.31 9.59
N THR A 156 -27.51 16.36 8.58
CA THR A 156 -27.73 15.58 7.38
C THR A 156 -26.94 14.31 7.64
N VAL A 157 -27.48 13.16 7.25
CA VAL A 157 -26.75 11.94 7.51
C VAL A 157 -26.57 11.05 6.30
N SER A 158 -25.35 10.53 6.17
CA SER A 158 -24.97 9.68 5.05
C SER A 158 -24.13 8.52 5.55
N ILE A 159 -24.51 7.29 5.21
CA ILE A 159 -23.74 6.13 5.65
C ILE A 159 -23.00 5.55 4.45
N PHE A 160 -21.77 5.14 4.65
CA PHE A 160 -20.98 4.58 3.58
C PHE A 160 -20.42 3.19 3.86
N PRO A 161 -20.78 2.23 3.00
CA PRO A 161 -20.32 0.85 3.14
C PRO A 161 -18.83 0.82 2.83
N PRO A 162 -18.12 -0.18 3.37
CA PRO A 162 -16.68 -0.34 3.17
C PRO A 162 -16.33 -0.32 1.69
N SER A 163 -15.13 0.14 1.37
CA SER A 163 -14.65 0.18 -0.01
C SER A 163 -14.17 -1.23 -0.37
N SER A 164 -14.47 -1.67 -1.59
CA SER A 164 -14.03 -3.01 -2.03
C SER A 164 -12.52 -2.98 -1.95
N GLU A 165 -11.97 -1.87 -2.40
CA GLU A 165 -10.53 -1.64 -2.39
C GLU A 165 -10.02 -1.89 -0.97
N GLN A 166 -10.82 -1.51 0.02
CA GLN A 166 -10.42 -1.71 1.40
C GLN A 166 -10.59 -3.20 1.72
N LEU A 167 -11.70 -3.79 1.28
CA LEU A 167 -11.96 -5.20 1.53
C LEU A 167 -10.81 -6.07 1.06
N THR A 168 -10.39 -5.79 -0.18
CA THR A 168 -9.29 -6.50 -0.81
C THR A 168 -8.09 -6.53 0.13
N SER A 169 -7.94 -5.46 0.89
CA SER A 169 -6.84 -5.36 1.84
C SER A 169 -7.20 -6.03 3.16
N GLY A 170 -8.39 -6.63 3.24
CA GLY A 170 -8.77 -7.32 4.46
C GLY A 170 -9.62 -6.58 5.48
N GLY A 171 -9.58 -5.24 5.44
CA GLY A 171 -10.36 -4.47 6.39
C GLY A 171 -11.71 -4.04 5.85
N ALA A 172 -12.47 -3.35 6.70
CA ALA A 172 -13.79 -2.87 6.33
C ALA A 172 -14.28 -1.84 7.33
N SER A 173 -14.42 -0.60 6.87
CA SER A 173 -14.87 0.48 7.74
C SER A 173 -16.14 1.06 7.18
N VAL A 174 -17.09 1.29 8.07
CA VAL A 174 -18.34 1.90 7.67
C VAL A 174 -18.22 3.32 8.18
N VAL A 175 -18.50 4.28 7.30
CA VAL A 175 -18.39 5.68 7.68
C VAL A 175 -19.76 6.33 7.68
N CYS A 176 -19.96 7.24 8.64
CA CYS A 176 -21.21 7.98 8.76
C CYS A 176 -20.85 9.45 8.93
N PHE A 177 -21.54 10.33 8.21
CA PHE A 177 -21.25 11.74 8.34
C PHE A 177 -22.52 12.39 8.84
N LEU A 178 -22.42 13.17 9.91
CA LEU A 178 -23.57 13.88 10.41
C LEU A 178 -23.11 15.34 10.28
N ASN A 179 -23.49 15.96 9.17
CA ASN A 179 -23.08 17.31 8.89
C ASN A 179 -24.03 18.47 9.19
N ASN A 180 -23.40 19.64 9.29
CA ASN A 180 -24.05 20.91 9.53
C ASN A 180 -25.20 20.94 10.51
N PHE A 181 -24.95 20.46 11.70
CA PHE A 181 -25.99 20.46 12.72
C PHE A 181 -25.65 21.41 13.85
N TYR A 182 -26.68 21.74 14.62
CA TYR A 182 -26.57 22.63 15.76
C TYR A 182 -27.83 22.47 16.59
N PRO A 183 -27.71 22.44 17.92
CA PRO A 183 -26.50 22.55 18.75
C PRO A 183 -25.52 21.38 18.69
N LYS A 184 -24.25 21.71 18.98
CA LYS A 184 -23.13 20.79 19.00
C LYS A 184 -23.40 19.43 19.69
N ASP A 185 -24.21 19.44 20.74
CA ASP A 185 -24.55 18.25 21.50
C ASP A 185 -25.32 17.22 20.68
N ILE A 186 -24.71 16.05 20.45
CA ILE A 186 -25.35 14.98 19.67
C ILE A 186 -24.97 13.60 20.22
N ASN A 187 -25.79 12.60 19.96
CA ASN A 187 -25.54 11.26 20.47
C ASN A 187 -25.64 10.23 19.36
N VAL A 188 -24.50 9.64 19.01
CA VAL A 188 -24.47 8.66 17.92
C VAL A 188 -24.12 7.24 18.36
N LYS A 189 -24.85 6.27 17.81
CA LYS A 189 -24.65 4.87 18.10
C LYS A 189 -24.70 4.04 16.80
N TRP A 190 -23.80 3.07 16.65
CA TRP A 190 -23.82 2.19 15.49
C TRP A 190 -24.62 0.95 15.86
N LYS A 191 -25.61 0.61 15.03
CA LYS A 191 -26.44 -0.55 15.28
C LYS A 191 -26.25 -1.53 14.14
N ILE A 192 -25.65 -2.67 14.45
CA ILE A 192 -25.40 -3.71 13.45
C ILE A 192 -26.54 -4.73 13.45
N ASP A 193 -27.17 -4.92 12.29
CA ASP A 193 -28.30 -5.82 12.18
C ASP A 193 -29.25 -5.39 13.29
N GLY A 194 -29.07 -5.97 14.47
CA GLY A 194 -29.94 -5.61 15.58
C GLY A 194 -29.37 -4.59 16.56
N SER A 195 -28.65 -5.09 17.55
CA SER A 195 -28.09 -4.28 18.63
C SER A 195 -27.01 -3.26 18.31
N GLU A 196 -26.66 -2.53 19.37
CA GLU A 196 -25.65 -1.49 19.34
C GLU A 196 -24.32 -2.21 19.50
N ARG A 197 -23.25 -1.59 19.01
CA ARG A 197 -21.92 -2.18 19.12
C ARG A 197 -20.92 -1.05 19.16
N GLN A 198 -19.72 -1.30 19.69
CA GLN A 198 -18.74 -0.22 19.73
C GLN A 198 -17.27 -0.60 19.62
N ASN A 199 -16.95 -1.75 19.03
CA ASN A 199 -15.57 -2.16 18.87
C ASN A 199 -15.00 -1.66 17.55
N GLY A 200 -14.07 -0.73 17.62
CA GLY A 200 -13.47 -0.19 16.41
C GLY A 200 -14.21 1.02 15.90
N VAL A 201 -14.81 1.78 16.82
CA VAL A 201 -15.53 2.98 16.45
C VAL A 201 -14.72 4.23 16.75
N LEU A 202 -14.54 5.08 15.74
CA LEU A 202 -13.79 6.30 15.90
C LEU A 202 -14.51 7.51 15.31
N ASN A 203 -14.75 8.50 16.17
CA ASN A 203 -15.43 9.73 15.78
C ASN A 203 -14.50 10.93 15.79
N SER A 204 -14.83 11.93 14.99
CA SER A 204 -14.04 13.15 14.88
C SER A 204 -14.98 14.34 14.73
N TRP A 205 -14.63 15.48 15.30
CA TRP A 205 -15.48 16.67 15.22
C TRP A 205 -14.77 17.88 14.61
N THR A 206 -15.47 18.62 13.75
CA THR A 206 -14.88 19.81 13.16
C THR A 206 -15.16 20.94 14.13
N ASP A 207 -14.36 21.99 14.05
CA ASP A 207 -14.57 23.12 14.92
C ASP A 207 -15.82 23.79 14.40
N GLN A 208 -16.37 24.70 15.18
CA GLN A 208 -17.56 25.41 14.76
C GLN A 208 -17.23 26.18 13.49
N ASP A 209 -17.89 25.80 12.40
CA ASP A 209 -17.72 26.44 11.10
C ASP A 209 -17.96 27.94 11.26
N SER A 210 -17.01 28.75 10.77
CA SER A 210 -17.10 30.21 10.89
C SER A 210 -18.03 30.89 9.88
N LYS A 211 -18.56 30.11 8.95
CA LYS A 211 -19.47 30.62 7.94
C LYS A 211 -20.92 30.50 8.44
N ASP A 212 -21.32 29.31 8.86
CA ASP A 212 -22.67 29.07 9.32
C ASP A 212 -22.82 28.81 10.83
N SER A 213 -21.70 28.55 11.50
CA SER A 213 -21.70 28.27 12.93
C SER A 213 -22.36 26.94 13.29
N THR A 214 -22.22 25.94 12.44
CA THR A 214 -22.80 24.63 12.74
C THR A 214 -21.68 23.63 12.93
N TYR A 215 -22.02 22.45 13.43
CA TYR A 215 -21.01 21.45 13.63
C TYR A 215 -21.20 20.24 12.75
N SER A 216 -20.12 19.50 12.56
CA SER A 216 -20.13 18.30 11.77
C SER A 216 -19.36 17.21 12.49
N MET A 217 -19.80 15.97 12.31
CA MET A 217 -19.19 14.84 12.97
C MET A 217 -19.06 13.63 12.06
N SER A 218 -17.89 13.03 12.08
CA SER A 218 -17.61 11.83 11.29
C SER A 218 -17.54 10.66 12.26
N SER A 219 -18.11 9.53 11.89
CA SER A 219 -18.07 8.38 12.77
C SER A 219 -17.71 7.13 12.00
N THR A 220 -16.59 6.52 12.36
CA THR A 220 -16.11 5.34 11.64
C THR A 220 -16.06 4.04 12.45
N LEU A 221 -16.83 3.05 12.00
CA LEU A 221 -16.87 1.73 12.62
C LEU A 221 -15.94 0.86 11.79
N THR A 222 -14.93 0.28 12.42
CA THR A 222 -13.96 -0.53 11.68
C THR A 222 -14.00 -1.98 12.09
N LEU A 223 -14.08 -2.85 11.09
CA LEU A 223 -14.13 -4.28 11.34
C LEU A 223 -13.17 -5.05 10.46
N THR A 224 -12.95 -6.31 10.77
CA THR A 224 -12.11 -7.12 9.94
C THR A 224 -13.08 -7.46 8.79
N LYS A 225 -12.57 -8.04 7.70
CA LYS A 225 -13.45 -8.39 6.58
C LYS A 225 -14.40 -9.51 6.92
N ASP A 226 -13.96 -10.45 7.75
CA ASP A 226 -14.84 -11.55 8.11
C ASP A 226 -15.85 -11.05 9.13
N GLU A 227 -15.40 -10.15 10.00
CA GLU A 227 -16.28 -9.58 11.02
C GLU A 227 -17.42 -8.88 10.30
N TYR A 228 -17.06 -8.05 9.33
CA TYR A 228 -18.01 -7.30 8.53
C TYR A 228 -18.96 -8.23 7.77
N GLU A 229 -18.39 -9.26 7.16
CA GLU A 229 -19.16 -10.22 6.36
C GLU A 229 -20.09 -11.16 7.14
N ARG A 230 -20.06 -11.10 8.46
CA ARG A 230 -20.92 -11.96 9.27
C ARG A 230 -22.22 -11.23 9.61
N HIS A 231 -22.40 -10.03 9.07
CA HIS A 231 -23.60 -9.25 9.35
C HIS A 231 -24.22 -8.68 8.09
N ASN A 232 -25.48 -8.29 8.18
CA ASN A 232 -26.20 -7.77 7.03
C ASN A 232 -26.58 -6.29 7.11
N SER A 233 -27.13 -5.90 8.25
CA SER A 233 -27.59 -4.55 8.46
C SER A 233 -26.57 -3.67 9.19
N TYR A 234 -26.35 -2.45 8.71
CA TYR A 234 -25.46 -1.52 9.38
C TYR A 234 -26.18 -0.18 9.47
N THR A 235 -26.32 0.33 10.69
CA THR A 235 -27.03 1.58 10.92
C THR A 235 -26.27 2.64 11.70
N CYS A 236 -26.50 3.87 11.29
CA CYS A 236 -25.91 5.02 11.94
C CYS A 236 -27.11 5.71 12.59
N GLU A 237 -27.17 5.64 13.91
CA GLU A 237 -28.28 6.22 14.65
C GLU A 237 -27.86 7.42 15.47
N ALA A 238 -28.50 8.56 15.22
CA ALA A 238 -28.20 9.79 15.94
C ALA A 238 -29.43 10.32 16.71
N THR A 239 -29.18 10.80 17.92
CA THR A 239 -30.21 11.39 18.74
C THR A 239 -29.78 12.84 18.94
N HIS A 240 -30.50 13.76 18.31
CA HIS A 240 -30.20 15.17 18.41
C HIS A 240 -31.46 15.82 18.95
N LYS A 241 -31.36 17.03 19.48
CA LYS A 241 -32.53 17.71 20.04
C LYS A 241 -33.53 18.18 19.01
N THR A 242 -33.11 18.29 17.75
CA THR A 242 -34.06 18.77 16.75
C THR A 242 -35.14 17.76 16.42
N SER A 243 -34.91 16.49 16.74
CA SER A 243 -35.90 15.44 16.44
C SER A 243 -36.24 14.54 17.63
N THR A 244 -37.53 14.43 17.92
CA THR A 244 -37.98 13.60 19.02
C THR A 244 -37.88 12.16 18.59
N SER A 245 -37.41 11.95 17.37
CA SER A 245 -37.26 10.61 16.81
C SER A 245 -35.85 10.37 16.38
N PRO A 246 -35.34 9.16 16.67
CA PRO A 246 -33.97 8.86 16.28
C PRO A 246 -33.79 9.05 14.78
N ILE A 247 -32.70 9.71 14.41
CA ILE A 247 -32.41 9.95 13.01
C ILE A 247 -31.61 8.75 12.53
N VAL A 248 -32.16 8.04 11.55
CA VAL A 248 -31.50 6.84 11.03
C VAL A 248 -31.24 6.84 9.53
N LYS A 249 -30.14 6.18 9.18
CA LYS A 249 -29.68 6.01 7.80
C LYS A 249 -28.86 4.72 7.87
N SER A 250 -29.45 3.62 7.40
CA SER A 250 -28.76 2.34 7.42
C SER A 250 -28.66 1.74 6.04
N PHE A 251 -27.98 0.62 5.95
CA PHE A 251 -27.82 -0.07 4.67
C PHE A 251 -27.59 -1.54 4.94
N ASN A 252 -28.13 -2.37 4.07
CA ASN A 252 -27.96 -3.80 4.20
C ASN A 252 -26.95 -4.16 3.12
N ARG A 253 -26.31 -5.31 3.24
CA ARG A 253 -25.36 -5.74 2.22
C ARG A 253 -26.12 -6.46 1.11
N ASN A 254 -26.88 -5.70 0.31
CA ASN A 254 -27.68 -6.27 -0.78
C ASN A 254 -28.13 -5.24 -1.84
N GLU B 1 11.93 43.09 27.06
CA GLU B 1 10.67 42.30 27.26
C GLU B 1 10.90 40.95 27.92
N VAL B 2 10.03 39.99 27.61
CA VAL B 2 10.12 38.65 28.18
C VAL B 2 9.70 37.57 27.20
N GLN B 3 10.38 36.43 27.24
CA GLN B 3 10.04 35.35 26.33
C GLN B 3 10.55 33.97 26.75
N LEU B 4 9.78 32.94 26.41
CA LEU B 4 10.12 31.55 26.71
C LEU B 4 9.99 30.76 25.40
N GLN B 5 11.11 30.57 24.73
CA GLN B 5 11.15 29.86 23.46
C GLN B 5 11.44 28.39 23.68
N GLN B 6 10.56 27.54 23.17
CA GLN B 6 10.66 26.08 23.33
C GLN B 6 11.20 25.39 22.09
N SER B 7 11.74 24.19 22.29
CA SER B 7 12.30 23.40 21.18
C SER B 7 11.23 22.88 20.21
N GLY B 8 11.67 22.56 18.99
CA GLY B 8 10.78 22.06 17.96
C GLY B 8 10.14 20.70 18.17
N ALA B 9 9.00 20.50 17.53
CA ALA B 9 8.25 19.26 17.61
C ALA B 9 9.20 18.07 17.59
N GLU B 10 9.01 17.18 18.53
CA GLU B 10 9.85 16.02 18.63
C GLU B 10 9.06 14.75 18.43
N LEU B 11 9.67 13.81 17.73
CA LEU B 11 9.04 12.52 17.50
C LEU B 11 9.77 11.60 18.46
N VAL B 12 9.01 10.81 19.21
CA VAL B 12 9.59 9.91 20.19
C VAL B 12 9.15 8.49 20.03
N ARG B 13 10.09 7.60 19.79
CA ARG B 13 9.76 6.19 19.66
C ARG B 13 9.43 5.70 21.06
N PRO B 14 8.24 5.12 21.21
CA PRO B 14 7.75 4.61 22.50
C PRO B 14 8.78 3.81 23.28
N GLY B 15 8.73 3.95 24.60
CA GLY B 15 9.64 3.23 25.47
C GLY B 15 11.07 3.73 25.49
N THR B 16 11.30 4.93 24.96
CA THR B 16 12.64 5.49 24.96
C THR B 16 12.63 6.74 25.81
N SER B 17 13.11 7.85 25.25
CA SER B 17 13.12 9.11 26.01
C SER B 17 13.32 10.36 25.14
N VAL B 18 13.10 11.51 25.76
CA VAL B 18 13.22 12.80 25.09
C VAL B 18 13.52 13.86 26.12
N LYS B 19 14.06 14.99 25.64
CA LYS B 19 14.40 16.12 26.49
C LYS B 19 14.02 17.36 25.71
N LEU B 20 13.15 18.17 26.31
CA LEU B 20 12.67 19.39 25.68
C LEU B 20 13.30 20.54 26.42
N SER B 21 13.48 21.65 25.74
CA SER B 21 14.08 22.83 26.36
C SER B 21 13.21 24.07 26.20
N CYS B 22 13.37 25.00 27.13
CA CYS B 22 12.62 26.25 27.14
C CYS B 22 13.63 27.36 27.45
N LYS B 23 13.98 28.15 26.44
CA LYS B 23 14.96 29.23 26.56
C LYS B 23 14.38 30.50 27.14
N ALA B 24 14.80 30.85 28.36
CA ALA B 24 14.30 32.06 29.00
C ALA B 24 15.10 33.29 28.55
N SER B 25 14.43 34.44 28.48
CA SER B 25 15.14 35.65 28.07
C SER B 25 14.30 36.89 28.33
N GLY B 26 14.97 37.94 28.79
CA GLY B 26 14.30 39.19 29.08
C GLY B 26 14.00 39.40 30.55
N TYR B 27 14.67 38.62 31.40
CA TYR B 27 14.46 38.72 32.84
C TYR B 27 15.48 37.84 33.55
N SER B 28 15.54 37.97 34.87
CA SER B 28 16.46 37.21 35.70
C SER B 28 15.99 35.75 35.85
N PHE B 29 16.36 34.93 34.88
CA PHE B 29 16.01 33.52 34.83
C PHE B 29 15.94 32.83 36.19
N THR B 30 16.96 33.05 37.01
CA THR B 30 17.04 32.44 38.34
C THR B 30 16.30 33.17 39.44
N ASN B 31 15.31 33.98 39.07
CA ASN B 31 14.57 34.71 40.08
C ASN B 31 13.21 34.11 40.39
N TYR B 32 12.64 33.43 39.40
CA TYR B 32 11.33 32.83 39.58
C TYR B 32 11.33 31.36 39.26
N TRP B 33 10.28 30.68 39.72
CA TRP B 33 10.11 29.26 39.46
C TRP B 33 9.79 29.06 37.99
N MET B 34 10.02 27.86 37.50
CA MET B 34 9.71 27.54 36.11
C MET B 34 8.70 26.40 36.13
N ASN B 35 7.53 26.65 35.57
CA ASN B 35 6.49 25.64 35.53
C ASN B 35 6.49 24.88 34.21
N TRP B 36 6.05 23.62 34.27
CA TRP B 36 5.96 22.76 33.10
C TRP B 36 4.60 22.08 33.09
N LEU B 37 3.83 22.32 32.03
CA LEU B 37 2.49 21.76 31.91
C LEU B 37 2.42 20.89 30.67
N ARG B 38 1.38 20.06 30.63
CA ARG B 38 1.14 19.15 29.51
C ARG B 38 -0.33 19.32 29.07
N GLN B 39 -0.62 18.92 27.85
CA GLN B 39 -1.98 19.02 27.30
C GLN B 39 -2.18 17.95 26.24
N ARG B 40 -2.68 16.80 26.65
CA ARG B 40 -2.90 15.72 25.71
C ARG B 40 -3.88 16.16 24.64
N PRO B 41 -3.87 15.49 23.48
CA PRO B 41 -4.76 15.82 22.35
C PRO B 41 -6.22 15.89 22.77
N GLY B 42 -6.82 17.07 22.57
CA GLY B 42 -8.21 17.31 22.90
C GLY B 42 -8.47 17.60 24.37
N GLN B 43 -7.56 17.20 25.25
CA GLN B 43 -7.73 17.39 26.67
C GLN B 43 -7.50 18.80 27.19
N GLY B 44 -7.57 18.93 28.51
CA GLY B 44 -7.36 20.21 29.14
C GLY B 44 -5.88 20.34 29.46
N LEU B 45 -5.57 20.88 30.63
CA LEU B 45 -4.19 21.08 31.02
C LEU B 45 -3.76 20.36 32.30
N ASP B 46 -2.58 19.78 32.26
CA ASP B 46 -1.99 19.08 33.40
C ASP B 46 -0.72 19.79 33.84
N TRP B 47 -0.65 20.10 35.12
CA TRP B 47 0.52 20.76 35.67
C TRP B 47 1.49 19.63 36.00
N ILE B 48 2.64 19.62 35.34
CA ILE B 48 3.61 18.58 35.57
C ILE B 48 4.43 18.84 36.83
N GLY B 49 5.15 19.95 36.83
CA GLY B 49 5.95 20.29 37.98
C GLY B 49 6.61 21.65 37.79
N MET B 50 7.48 22.02 38.71
CA MET B 50 8.16 23.29 38.59
C MET B 50 9.54 23.16 39.18
N ILE B 51 10.46 23.99 38.70
CA ILE B 51 11.81 23.97 39.21
C ILE B 51 12.27 25.41 39.32
N HIS B 52 13.08 25.69 40.34
CA HIS B 52 13.61 27.01 40.55
C HIS B 52 15.04 26.99 40.03
N PRO B 53 15.36 27.84 39.04
CA PRO B 53 16.71 27.87 38.48
C PRO B 53 17.82 28.41 39.38
N SER B 54 17.45 28.98 40.51
CA SER B 54 18.45 29.50 41.44
C SER B 54 19.20 28.33 42.01
N ASP B 55 18.47 27.41 42.65
CA ASP B 55 19.08 26.24 43.28
C ASP B 55 18.61 24.87 42.80
N SER B 56 17.99 24.84 41.62
CA SER B 56 17.50 23.58 41.03
C SER B 56 16.51 22.81 41.89
N GLU B 57 15.96 23.46 42.92
CA GLU B 57 14.99 22.80 43.79
C GLU B 57 13.76 22.48 42.92
N THR B 58 13.32 21.23 42.91
CA THR B 58 12.17 20.87 42.11
C THR B 58 11.04 20.38 42.97
N ARG B 59 9.82 20.61 42.51
CA ARG B 59 8.63 20.17 43.21
C ARG B 59 7.71 19.53 42.15
N LEU B 60 7.59 18.21 42.16
CA LEU B 60 6.77 17.53 41.16
C LEU B 60 5.40 16.95 41.49
N ASN B 61 4.48 17.06 40.54
CA ASN B 61 3.14 16.50 40.64
C ASN B 61 3.47 15.02 40.77
N GLN B 62 2.99 14.37 41.83
CA GLN B 62 3.32 12.97 42.00
C GLN B 62 2.87 12.04 40.88
N LYS B 63 1.91 12.46 40.07
CA LYS B 63 1.47 11.63 38.95
C LYS B 63 2.57 11.39 37.91
N PHE B 64 3.48 12.37 37.78
CA PHE B 64 4.58 12.25 36.83
C PHE B 64 5.91 12.00 37.52
N LYS B 65 5.86 11.61 38.80
CA LYS B 65 7.07 11.34 39.60
C LYS B 65 8.12 10.50 38.85
N ASP B 66 7.68 9.48 38.14
CA ASP B 66 8.61 8.63 37.44
C ASP B 66 8.66 8.86 35.94
N LYS B 67 7.97 9.87 35.43
CA LYS B 67 8.02 10.11 33.99
C LYS B 67 8.80 11.37 33.65
N ALA B 68 8.65 12.40 34.48
CA ALA B 68 9.33 13.66 34.25
C ALA B 68 10.50 13.95 35.17
N THR B 69 11.58 14.47 34.60
CA THR B 69 12.79 14.86 35.31
C THR B 69 13.08 16.30 34.86
N LEU B 70 13.12 17.23 35.81
CA LEU B 70 13.35 18.64 35.52
C LEU B 70 14.76 19.16 35.83
N THR B 71 15.37 19.85 34.87
CA THR B 71 16.70 20.40 35.10
C THR B 71 16.89 21.80 34.52
N VAL B 72 17.94 22.47 34.97
CA VAL B 72 18.20 23.82 34.50
C VAL B 72 19.66 24.05 34.17
N ASP B 73 19.91 24.93 33.21
CA ASP B 73 21.28 25.24 32.82
C ASP B 73 21.51 26.75 32.93
N ARG B 74 21.88 27.18 34.14
CA ARG B 74 22.13 28.58 34.45
C ARG B 74 22.86 29.38 33.37
N SER B 75 23.96 28.81 32.86
CA SER B 75 24.76 29.46 31.84
C SER B 75 23.97 29.95 30.65
N SER B 76 23.10 29.09 30.10
CA SER B 76 22.30 29.48 28.94
C SER B 76 20.84 29.71 29.30
N SER B 77 20.58 29.86 30.59
CA SER B 77 19.23 30.07 31.10
C SER B 77 18.16 29.26 30.36
N THR B 78 18.41 27.97 30.21
CA THR B 78 17.44 27.10 29.58
C THR B 78 16.93 26.17 30.66
N ALA B 79 15.66 25.82 30.60
CA ALA B 79 15.10 24.90 31.57
C ALA B 79 14.74 23.66 30.78
N TYR B 80 15.03 22.49 31.35
CA TYR B 80 14.72 21.25 30.65
C TYR B 80 13.81 20.31 31.42
N ILE B 81 13.18 19.44 30.65
CA ILE B 81 12.34 18.41 31.18
C ILE B 81 12.73 17.19 30.34
N GLN B 82 12.68 16.02 30.97
CA GLN B 82 13.04 14.83 30.26
C GLN B 82 11.98 13.81 30.59
N LEU B 83 11.38 13.26 29.55
CA LEU B 83 10.34 12.27 29.71
C LEU B 83 11.01 10.92 29.67
N SER B 84 10.93 10.21 30.78
CA SER B 84 11.56 8.90 30.92
C SER B 84 10.62 7.74 30.54
N SER B 85 11.00 7.00 29.50
CA SER B 85 10.19 5.87 29.02
C SER B 85 8.73 6.26 28.80
N PRO B 86 8.49 7.14 27.82
CA PRO B 86 7.16 7.64 27.47
C PRO B 86 6.31 6.69 26.62
N THR B 87 5.01 6.62 26.93
CA THR B 87 4.07 5.79 26.20
C THR B 87 3.27 6.67 25.23
N SER B 88 2.27 6.09 24.56
CA SER B 88 1.48 6.89 23.63
C SER B 88 0.67 7.81 24.50
N GLU B 89 0.49 7.42 25.74
CA GLU B 89 -0.27 8.20 26.70
C GLU B 89 0.40 9.54 26.96
N ASP B 90 1.67 9.66 26.55
CA ASP B 90 2.39 10.89 26.77
C ASP B 90 2.44 11.84 25.57
N SER B 91 1.89 11.40 24.44
CA SER B 91 1.84 12.25 23.26
C SER B 91 1.00 13.48 23.63
N ALA B 92 1.58 14.66 23.47
CA ALA B 92 0.89 15.90 23.81
C ALA B 92 1.73 17.15 23.56
N VAL B 93 1.16 18.31 23.88
CA VAL B 93 1.87 19.55 23.72
C VAL B 93 2.35 19.97 25.09
N TYR B 94 3.67 20.04 25.24
CA TYR B 94 4.29 20.42 26.49
C TYR B 94 4.67 21.88 26.55
N TYR B 95 4.26 22.54 27.64
CA TYR B 95 4.51 23.96 27.86
C TYR B 95 5.34 24.26 29.11
N CYS B 96 6.07 25.36 29.08
CA CYS B 96 6.84 25.83 30.23
C CYS B 96 6.23 27.19 30.52
N ALA B 97 6.13 27.56 31.80
CA ALA B 97 5.56 28.86 32.12
C ALA B 97 6.00 29.43 33.45
N ARG B 98 5.88 30.74 33.55
CA ARG B 98 6.22 31.46 34.75
C ARG B 98 4.91 32.11 35.13
N ASP B 99 4.29 31.64 36.19
CA ASP B 99 3.04 32.23 36.62
C ASP B 99 3.18 32.65 38.07
N ASP B 100 3.56 33.90 38.26
CA ASP B 100 3.74 34.47 39.59
C ASP B 100 3.38 35.94 39.58
N TYR B 101 3.62 36.59 40.71
CA TYR B 101 3.34 38.01 40.86
C TYR B 101 3.93 38.85 39.72
N ASP B 102 5.23 38.73 39.49
CA ASP B 102 5.90 39.50 38.46
C ASP B 102 5.45 39.19 37.02
N GLY B 103 4.28 38.56 36.89
CA GLY B 103 3.75 38.24 35.58
C GLY B 103 3.58 36.76 35.29
N ALA B 104 2.72 36.46 34.31
CA ALA B 104 2.45 35.09 33.88
C ALA B 104 2.80 35.03 32.41
N PHE B 105 3.78 34.21 32.06
CA PHE B 105 4.22 34.10 30.66
C PHE B 105 4.36 32.65 30.29
N TRP B 106 3.87 32.30 29.10
CA TRP B 106 3.92 30.94 28.61
C TRP B 106 4.74 30.77 27.34
N GLY B 107 5.35 29.60 27.19
CA GLY B 107 6.13 29.32 25.99
C GLY B 107 5.13 28.98 24.89
N GLN B 108 5.61 28.76 23.67
CA GLN B 108 4.74 28.43 22.55
C GLN B 108 4.48 26.94 22.50
N GLY B 109 5.08 26.21 23.44
CA GLY B 109 4.86 24.78 23.50
C GLY B 109 5.57 23.90 22.51
N THR B 110 5.72 22.63 22.89
CA THR B 110 6.39 21.64 22.06
C THR B 110 5.50 20.41 21.88
N LEU B 111 5.25 20.06 20.63
CA LEU B 111 4.45 18.88 20.32
C LEU B 111 5.34 17.64 20.43
N VAL B 112 4.81 16.65 21.13
CA VAL B 112 5.52 15.40 21.31
C VAL B 112 4.59 14.30 20.85
N THR B 113 5.10 13.45 19.97
CA THR B 113 4.34 12.34 19.45
C THR B 113 5.13 11.08 19.72
N VAL B 114 4.49 10.14 20.40
CA VAL B 114 5.12 8.88 20.76
C VAL B 114 4.55 7.83 19.83
N SER B 115 5.39 7.28 18.95
CA SER B 115 4.91 6.25 18.04
C SER B 115 6.01 5.47 17.36
N ALA B 116 5.97 4.15 17.49
CA ALA B 116 6.97 3.29 16.86
C ALA B 116 6.88 3.43 15.33
N ALA B 117 5.71 3.86 14.87
CA ALA B 117 5.42 4.06 13.46
C ALA B 117 6.52 4.78 12.68
N LYS B 118 6.64 4.42 11.42
CA LYS B 118 7.60 5.02 10.50
C LYS B 118 6.77 5.76 9.46
N THR B 119 7.42 6.52 8.58
CA THR B 119 6.68 7.25 7.56
C THR B 119 5.75 6.27 6.87
N THR B 120 4.47 6.62 6.78
CA THR B 120 3.52 5.72 6.14
C THR B 120 2.51 6.43 5.25
N PRO B 121 2.53 6.14 3.95
CA PRO B 121 1.54 6.82 3.11
C PRO B 121 0.17 6.25 3.49
N PRO B 122 -0.89 7.05 3.37
CA PRO B 122 -2.24 6.62 3.72
C PRO B 122 -2.93 5.76 2.67
N SER B 123 -3.91 4.98 3.10
CA SER B 123 -4.69 4.16 2.18
C SER B 123 -5.92 5.02 1.88
N VAL B 124 -6.06 5.47 0.65
CA VAL B 124 -7.22 6.30 0.33
C VAL B 124 -8.36 5.44 -0.20
N TYR B 125 -9.49 5.50 0.51
CA TYR B 125 -10.68 4.72 0.17
C TYR B 125 -11.86 5.61 -0.21
N PRO B 126 -12.54 5.28 -1.31
CA PRO B 126 -13.68 6.04 -1.81
C PRO B 126 -14.96 5.75 -1.02
N LEU B 127 -15.63 6.82 -0.59
CA LEU B 127 -16.88 6.69 0.15
C LEU B 127 -18.00 7.00 -0.81
N ALA B 128 -18.56 5.94 -1.39
CA ALA B 128 -19.65 6.05 -2.35
C ALA B 128 -20.98 5.67 -1.74
N PRO B 129 -22.06 6.35 -2.16
CA PRO B 129 -23.41 6.08 -1.66
C PRO B 129 -23.74 4.60 -1.75
N GLY B 130 -24.20 4.05 -0.64
CA GLY B 130 -24.55 2.64 -0.61
C GLY B 130 -25.68 2.31 -1.56
N SER B 131 -26.82 2.96 -1.38
CA SER B 131 -28.00 2.73 -2.22
C SER B 131 -29.19 3.63 -1.83
N ALA B 132 -28.91 4.76 -1.20
CA ALA B 132 -29.95 5.71 -0.77
C ALA B 132 -30.40 6.59 -1.93
N ALA B 133 -30.92 5.94 -2.98
CA ALA B 133 -31.40 6.60 -4.19
C ALA B 133 -31.84 8.05 -4.01
N GLN B 134 -31.03 8.97 -4.53
CA GLN B 134 -31.30 10.41 -4.48
C GLN B 134 -31.33 11.03 -3.08
N THR B 135 -32.11 10.45 -2.17
CA THR B 135 -32.27 10.96 -0.80
C THR B 135 -33.06 12.28 -0.84
N ASN B 136 -32.87 13.02 -1.93
CA ASN B 136 -33.55 14.30 -2.14
C ASN B 136 -33.12 14.98 -3.45
N SER B 137 -32.04 15.74 -3.39
CA SER B 137 -31.53 16.45 -4.55
C SER B 137 -30.01 16.51 -4.45
N MET B 138 -29.53 16.80 -3.24
CA MET B 138 -28.11 16.88 -2.96
C MET B 138 -27.57 15.51 -2.62
N VAL B 139 -26.29 15.28 -2.90
CA VAL B 139 -25.68 13.99 -2.60
C VAL B 139 -24.32 14.19 -1.97
N THR B 140 -23.99 13.38 -0.98
CA THR B 140 -22.68 13.51 -0.37
C THR B 140 -21.85 12.26 -0.53
N LEU B 141 -20.59 12.47 -0.90
CA LEU B 141 -19.61 11.42 -1.11
C LEU B 141 -18.49 11.63 -0.10
N GLY B 142 -17.49 10.78 -0.15
CA GLY B 142 -16.43 10.99 0.80
C GLY B 142 -15.20 10.20 0.48
N CYS B 143 -14.16 10.48 1.26
CA CYS B 143 -12.87 9.82 1.11
C CYS B 143 -12.32 9.48 2.48
N LEU B 144 -12.08 8.20 2.70
CA LEU B 144 -11.50 7.75 3.96
C LEU B 144 -10.00 7.75 3.74
N VAL B 145 -9.31 8.61 4.47
CA VAL B 145 -7.85 8.73 4.36
C VAL B 145 -7.27 8.03 5.60
N LYS B 146 -7.15 6.70 5.49
CA LYS B 146 -6.72 5.82 6.58
C LYS B 146 -5.31 5.25 6.72
N GLY B 147 -4.79 5.31 7.94
CA GLY B 147 -3.51 4.71 8.22
C GLY B 147 -2.21 5.41 7.91
N TYR B 148 -2.22 6.72 7.73
CA TYR B 148 -0.98 7.42 7.46
C TYR B 148 -0.25 7.86 8.73
N PHE B 149 0.98 8.31 8.54
CA PHE B 149 1.85 8.79 9.63
C PHE B 149 3.17 9.22 9.01
N PRO B 150 3.67 10.40 9.41
CA PRO B 150 3.06 11.31 10.38
C PRO B 150 1.98 12.17 9.75
N ALA B 151 1.56 13.20 10.47
CA ALA B 151 0.57 14.13 9.98
C ALA B 151 1.33 15.36 9.42
N PRO B 152 0.65 16.21 8.65
CA PRO B 152 -0.75 16.08 8.29
C PRO B 152 -0.91 15.62 6.86
N VAL B 153 -2.12 15.80 6.36
CA VAL B 153 -2.44 15.44 5.00
C VAL B 153 -3.34 16.55 4.47
N THR B 154 -3.24 16.81 3.18
CA THR B 154 -4.05 17.83 2.56
C THR B 154 -5.07 17.12 1.72
N VAL B 155 -6.32 17.55 1.80
CA VAL B 155 -7.34 16.91 1.01
C VAL B 155 -8.11 18.00 0.28
N THR B 156 -8.28 17.80 -1.01
CA THR B 156 -9.00 18.73 -1.85
C THR B 156 -9.85 17.90 -2.76
N TRP B 157 -10.92 18.51 -3.28
CA TRP B 157 -11.77 17.78 -4.19
C TRP B 157 -11.66 18.45 -5.55
N ASN B 158 -11.65 17.62 -6.59
CA ASN B 158 -11.53 18.08 -7.97
C ASN B 158 -10.54 19.23 -8.06
N SER B 159 -9.30 18.93 -7.68
CA SER B 159 -8.17 19.86 -7.68
C SER B 159 -8.45 21.27 -7.19
N GLY B 160 -9.43 21.44 -6.30
CA GLY B 160 -9.73 22.76 -5.79
C GLY B 160 -11.04 23.34 -6.26
N SER B 161 -11.57 22.80 -7.36
CA SER B 161 -12.83 23.26 -7.94
C SER B 161 -13.91 23.27 -6.89
N LEU B 162 -14.09 22.12 -6.26
CA LEU B 162 -15.07 21.98 -5.21
C LEU B 162 -14.46 22.44 -3.91
N SER B 163 -15.06 23.49 -3.34
CA SER B 163 -14.60 24.10 -2.09
C SER B 163 -15.74 24.21 -1.06
N SER B 164 -16.91 24.63 -1.50
CA SER B 164 -17.99 24.75 -0.53
C SER B 164 -18.65 23.39 -0.37
N GLY B 165 -19.33 23.21 0.76
CA GLY B 165 -19.98 21.95 1.04
C GLY B 165 -18.98 20.82 1.22
N VAL B 166 -17.87 21.11 1.89
CA VAL B 166 -16.82 20.14 2.16
C VAL B 166 -16.46 20.12 3.66
N HIS B 167 -16.20 18.92 4.18
CA HIS B 167 -15.84 18.77 5.58
C HIS B 167 -14.69 17.80 5.76
N THR B 168 -13.50 18.34 6.00
CA THR B 168 -12.32 17.51 6.23
C THR B 168 -12.11 17.47 7.73
N PHE B 169 -12.56 16.38 8.33
CA PHE B 169 -12.48 16.16 9.77
C PHE B 169 -11.09 16.06 10.33
N PRO B 170 -10.90 16.54 11.55
CA PRO B 170 -9.60 16.51 12.21
C PRO B 170 -9.11 15.08 12.31
N ALA B 171 -7.84 14.87 11.99
CA ALA B 171 -7.26 13.53 12.04
C ALA B 171 -7.27 12.98 13.47
N VAL B 172 -7.51 11.68 13.59
CA VAL B 172 -7.53 11.04 14.89
C VAL B 172 -6.40 10.04 14.97
N LEU B 173 -5.48 10.24 15.90
CA LEU B 173 -4.35 9.34 16.07
C LEU B 173 -4.74 8.11 16.86
N GLN B 174 -5.02 7.03 16.15
CA GLN B 174 -5.40 5.78 16.78
C GLN B 174 -4.41 4.65 16.47
N SER B 175 -4.00 3.96 17.53
CA SER B 175 -3.09 2.82 17.42
C SER B 175 -1.85 3.06 16.55
N ASP B 176 -0.96 3.93 17.01
CA ASP B 176 0.27 4.22 16.31
C ASP B 176 0.07 4.96 14.98
N LEU B 177 -1.14 4.92 14.41
CA LEU B 177 -1.40 5.61 13.14
C LEU B 177 -2.57 6.59 13.08
N TYR B 178 -2.38 7.64 12.27
CA TYR B 178 -3.38 8.68 12.06
C TYR B 178 -4.39 8.30 11.00
N THR B 179 -5.65 8.54 11.31
CA THR B 179 -6.72 8.26 10.37
C THR B 179 -7.63 9.49 10.35
N LEU B 180 -8.14 9.81 9.16
CA LEU B 180 -8.97 10.98 8.95
C LEU B 180 -9.92 10.82 7.78
N SER B 181 -11.01 11.57 7.76
CA SER B 181 -11.95 11.48 6.66
C SER B 181 -12.41 12.85 6.21
N SER B 182 -12.97 12.91 5.01
CA SER B 182 -13.44 14.15 4.44
C SER B 182 -14.65 13.86 3.59
N SER B 183 -15.66 14.71 3.69
CA SER B 183 -16.88 14.53 2.94
C SER B 183 -17.08 15.66 1.95
N VAL B 184 -17.99 15.48 1.02
CA VAL B 184 -18.27 16.52 0.04
C VAL B 184 -19.70 16.35 -0.45
N THR B 185 -20.38 17.48 -0.66
CA THR B 185 -21.78 17.44 -1.12
C THR B 185 -21.97 18.18 -2.45
N VAL B 186 -22.77 17.60 -3.34
CA VAL B 186 -23.02 18.17 -4.65
C VAL B 186 -24.43 17.83 -5.11
N PRO B 187 -24.97 18.59 -6.09
CA PRO B 187 -26.32 18.31 -6.60
C PRO B 187 -26.34 17.01 -7.38
N SER B 188 -27.38 16.22 -7.17
CA SER B 188 -27.50 14.94 -7.84
C SER B 188 -27.31 15.04 -9.35
N SER B 189 -27.42 16.25 -9.90
CA SER B 189 -27.26 16.42 -11.33
C SER B 189 -25.80 16.51 -11.76
N THR B 190 -24.88 16.73 -10.82
CA THR B 190 -23.47 16.85 -11.20
C THR B 190 -22.70 15.54 -11.04
N TRP B 191 -23.09 14.75 -10.06
CA TRP B 191 -22.46 13.44 -9.84
C TRP B 191 -23.63 12.48 -9.92
N PRO B 192 -23.43 11.28 -10.47
CA PRO B 192 -22.20 10.72 -11.03
C PRO B 192 -21.89 11.16 -12.45
N SER B 193 -22.75 11.96 -13.06
CA SER B 193 -22.53 12.42 -14.42
C SER B 193 -21.10 12.94 -14.62
N GLU B 194 -20.68 13.88 -13.78
CA GLU B 194 -19.34 14.43 -13.88
C GLU B 194 -18.42 13.54 -13.05
N THR B 195 -17.17 13.95 -12.82
CA THR B 195 -16.26 13.11 -12.05
C THR B 195 -15.65 13.74 -10.79
N VAL B 196 -16.14 13.28 -9.64
CA VAL B 196 -15.65 13.76 -8.36
C VAL B 196 -14.49 12.90 -7.86
N THR B 197 -13.40 13.57 -7.50
CA THR B 197 -12.20 12.91 -7.01
C THR B 197 -11.56 13.73 -5.89
N CYS B 198 -11.12 13.05 -4.84
CA CYS B 198 -10.46 13.76 -3.77
C CYS B 198 -8.99 13.62 -4.11
N ASN B 199 -8.23 14.67 -3.88
CA ASN B 199 -6.82 14.62 -4.16
C ASN B 199 -6.20 14.89 -2.81
N VAL B 200 -5.59 13.84 -2.24
CA VAL B 200 -4.98 13.95 -0.94
C VAL B 200 -3.45 13.80 -0.99
N ALA B 201 -2.76 14.69 -0.28
CA ALA B 201 -1.31 14.71 -0.21
C ALA B 201 -0.82 14.34 1.18
N HIS B 202 0.40 13.81 1.23
CA HIS B 202 1.02 13.44 2.47
C HIS B 202 2.48 13.77 2.27
N PRO B 203 2.84 15.02 2.56
CA PRO B 203 4.19 15.58 2.43
C PRO B 203 5.32 14.69 2.94
N ALA B 204 5.11 14.07 4.09
CA ALA B 204 6.13 13.20 4.68
C ALA B 204 6.48 12.00 3.79
N SER B 205 5.52 11.56 2.96
CA SER B 205 5.75 10.42 2.08
C SER B 205 5.95 10.86 0.64
N SER B 206 5.94 12.16 0.42
CA SER B 206 6.12 12.71 -0.92
C SER B 206 5.05 12.07 -1.79
N THR B 207 3.87 11.89 -1.22
CA THR B 207 2.78 11.27 -1.94
C THR B 207 1.60 12.21 -2.10
N LYS B 208 0.83 11.97 -3.16
CA LYS B 208 -0.36 12.73 -3.50
C LYS B 208 -1.11 11.82 -4.47
N VAL B 209 -2.27 11.33 -4.04
CA VAL B 209 -3.05 10.44 -4.89
C VAL B 209 -4.51 10.88 -5.04
N ASP B 210 -5.12 10.50 -6.16
CA ASP B 210 -6.51 10.85 -6.43
C ASP B 210 -7.38 9.60 -6.42
N LYS B 211 -8.59 9.74 -5.88
CA LYS B 211 -9.50 8.60 -5.82
C LYS B 211 -10.85 8.95 -6.39
N LYS B 212 -11.09 8.47 -7.59
CA LYS B 212 -12.34 8.69 -8.29
C LYS B 212 -13.45 8.02 -7.46
N ILE B 213 -14.47 8.77 -7.12
CA ILE B 213 -15.59 8.24 -6.37
C ILE B 213 -16.58 7.68 -7.37
N VAL B 214 -16.47 6.38 -7.60
CA VAL B 214 -17.32 5.68 -8.57
C VAL B 214 -18.71 5.32 -8.04
N PRO B 215 -19.73 5.41 -8.89
CA PRO B 215 -21.08 5.07 -8.46
C PRO B 215 -21.09 3.60 -8.05
N ARG B 216 -21.46 3.33 -6.81
CA ARG B 216 -21.50 1.97 -6.30
C ARG B 216 -22.48 1.09 -7.10
N ASP B 217 -22.04 -0.14 -7.39
CA ASP B 217 -22.85 -1.12 -8.13
C ASP B 217 -24.25 -1.31 -7.58
N CYS B 218 -25.17 -0.63 -8.08
N GLU C 1 25.62 6.69 -12.69
CA GLU C 1 25.49 5.38 -13.40
C GLU C 1 26.49 4.33 -12.94
N VAL C 2 25.95 3.28 -12.34
CA VAL C 2 26.73 2.14 -11.85
C VAL C 2 26.31 0.95 -12.68
N GLN C 3 27.13 -0.09 -12.72
CA GLN C 3 26.74 -1.27 -13.47
C GLN C 3 27.47 -2.54 -13.07
N LEU C 4 26.75 -3.66 -13.18
CA LEU C 4 27.32 -4.96 -12.87
C LEU C 4 27.42 -5.71 -14.21
N GLN C 5 28.63 -6.16 -14.52
CA GLN C 5 28.93 -6.86 -15.77
C GLN C 5 29.16 -8.35 -15.48
N GLN C 6 28.14 -9.17 -15.76
CA GLN C 6 28.25 -10.61 -15.53
C GLN C 6 28.86 -11.31 -16.73
N SER C 7 29.35 -12.53 -16.52
CA SER C 7 29.96 -13.31 -17.59
C SER C 7 28.94 -13.76 -18.67
N GLY C 8 29.45 -14.23 -19.81
CA GLY C 8 28.59 -14.65 -20.91
C GLY C 8 27.90 -15.98 -20.73
N ALA C 9 26.94 -16.27 -21.61
CA ALA C 9 26.19 -17.52 -21.54
C ALA C 9 27.16 -18.66 -21.29
N GLU C 10 26.70 -19.69 -20.59
CA GLU C 10 27.56 -20.81 -20.29
C GLU C 10 26.88 -22.14 -20.56
N LEU C 11 27.47 -22.95 -21.43
CA LEU C 11 26.93 -24.26 -21.72
C LEU C 11 27.75 -25.16 -20.82
N VAL C 12 27.10 -25.74 -19.82
CA VAL C 12 27.80 -26.60 -18.88
C VAL C 12 27.33 -28.04 -18.98
N ARG C 13 28.27 -28.94 -19.17
CA ARG C 13 27.97 -30.37 -19.27
C ARG C 13 27.75 -30.88 -17.85
N PRO C 14 26.59 -31.46 -17.60
CA PRO C 14 26.24 -32.00 -16.27
C PRO C 14 27.37 -32.74 -15.58
N GLY C 15 27.49 -32.52 -14.27
CA GLY C 15 28.54 -33.18 -13.51
C GLY C 15 29.72 -32.28 -13.19
N THR C 16 30.10 -31.42 -14.14
CA THR C 16 31.24 -30.52 -13.93
C THR C 16 30.73 -29.21 -13.36
N SER C 17 31.60 -28.48 -12.68
CA SER C 17 31.20 -27.21 -12.06
C SER C 17 31.38 -26.02 -12.98
N VAL C 18 30.86 -24.88 -12.53
CA VAL C 18 30.95 -23.64 -13.28
C VAL C 18 31.12 -22.49 -12.30
N LYS C 19 31.76 -21.42 -12.78
CA LYS C 19 32.01 -20.24 -11.99
C LYS C 19 31.70 -19.02 -12.85
N LEU C 20 30.67 -18.28 -12.45
CA LEU C 20 30.24 -17.09 -13.17
C LEU C 20 30.84 -15.88 -12.46
N SER C 21 30.78 -14.71 -13.10
CA SER C 21 31.34 -13.49 -12.50
C SER C 21 30.46 -12.25 -12.66
N CYS C 22 30.81 -11.21 -11.90
CA CYS C 22 30.08 -9.95 -11.87
C CYS C 22 31.08 -8.78 -11.65
N LYS C 23 31.12 -7.83 -12.56
CA LYS C 23 32.04 -6.69 -12.43
C LYS C 23 31.31 -5.37 -12.12
N ALA C 24 31.44 -4.90 -10.89
CA ALA C 24 30.78 -3.66 -10.48
C ALA C 24 31.63 -2.44 -10.76
N SER C 25 30.97 -1.31 -10.99
CA SER C 25 31.68 -0.07 -11.27
C SER C 25 30.79 1.14 -11.06
N GLY C 26 31.37 2.19 -10.47
CA GLY C 26 30.60 3.40 -10.24
C GLY C 26 30.25 3.58 -8.79
N TYR C 27 30.70 2.66 -7.94
CA TYR C 27 30.45 2.72 -6.51
C TYR C 27 31.61 2.04 -5.80
N SER C 28 31.56 2.00 -4.47
CA SER C 28 32.64 1.36 -3.74
C SER C 28 32.39 -0.11 -3.38
N PHE C 29 33.09 -1.00 -4.05
CA PHE C 29 32.99 -2.41 -3.79
C PHE C 29 33.38 -2.49 -2.31
N THR C 30 33.33 -3.67 -1.71
CA THR C 30 33.69 -3.83 -0.30
C THR C 30 32.89 -2.92 0.63
N ASN C 31 31.98 -2.12 0.07
CA ASN C 31 31.18 -1.21 0.87
C ASN C 31 29.70 -1.55 0.94
N TYR C 32 29.26 -2.53 0.14
CA TYR C 32 27.86 -2.94 0.10
C TYR C 32 27.74 -4.44 -0.11
N TRP C 33 26.62 -5.01 0.32
CA TRP C 33 26.42 -6.45 0.15
C TRP C 33 26.13 -6.78 -1.31
N MET C 34 26.60 -7.96 -1.73
CA MET C 34 26.40 -8.44 -3.10
C MET C 34 25.54 -9.68 -3.04
N ASN C 35 24.41 -9.66 -3.72
CA ASN C 35 23.53 -10.82 -3.71
C ASN C 35 23.60 -11.55 -5.04
N TRP C 36 23.23 -12.83 -5.02
CA TRP C 36 23.18 -13.67 -6.22
C TRP C 36 21.79 -14.27 -6.25
N LEU C 37 21.13 -14.12 -7.40
CA LEU C 37 19.77 -14.60 -7.59
C LEU C 37 19.67 -15.54 -8.79
N ARG C 38 18.74 -16.48 -8.73
CA ARG C 38 18.54 -17.44 -9.82
C ARG C 38 17.12 -17.31 -10.38
N GLN C 39 16.99 -17.56 -11.67
CA GLN C 39 15.67 -17.54 -12.31
C GLN C 39 15.62 -18.69 -13.28
N ARG C 40 14.97 -19.77 -12.86
CA ARG C 40 14.83 -20.94 -13.71
C ARG C 40 14.01 -20.57 -14.91
N PRO C 41 14.16 -21.33 -16.01
CA PRO C 41 13.40 -21.05 -17.24
C PRO C 41 12.08 -20.31 -17.06
N GLY C 42 10.98 -21.04 -16.91
CA GLY C 42 9.71 -20.37 -16.77
C GLY C 42 9.36 -19.95 -15.34
N GLN C 43 10.22 -20.34 -14.41
CA GLN C 43 10.03 -20.06 -12.99
C GLN C 43 10.22 -18.61 -12.55
N GLY C 44 9.97 -18.36 -11.26
CA GLY C 44 10.09 -17.03 -10.71
C GLY C 44 11.50 -16.75 -10.23
N LEU C 45 11.62 -16.07 -9.08
CA LEU C 45 12.91 -15.71 -8.52
C LEU C 45 13.31 -16.46 -7.25
N ASP C 46 14.60 -16.80 -7.16
CA ASP C 46 15.16 -17.49 -6.01
C ASP C 46 16.34 -16.70 -5.55
N TRP C 47 16.39 -16.37 -4.26
CA TRP C 47 17.52 -15.64 -3.71
C TRP C 47 18.47 -16.72 -3.24
N ILE C 48 19.65 -16.76 -3.86
CA ILE C 48 20.64 -17.77 -3.54
C ILE C 48 21.37 -17.47 -2.24
N GLY C 49 21.92 -16.26 -2.15
CA GLY C 49 22.66 -15.86 -0.96
C GLY C 49 23.27 -14.50 -1.20
N MET C 50 24.20 -14.10 -0.34
CA MET C 50 24.88 -12.82 -0.46
C MET C 50 26.30 -12.92 0.12
N ILE C 51 27.13 -11.93 -0.19
CA ILE C 51 28.50 -11.90 0.31
C ILE C 51 28.92 -10.43 0.41
N HIS C 52 29.80 -10.12 1.35
CA HIS C 52 30.26 -8.75 1.50
C HIS C 52 31.64 -8.66 0.87
N PRO C 53 31.74 -7.88 -0.22
CA PRO C 53 33.02 -7.74 -0.91
C PRO C 53 34.21 -7.53 0.04
N SER C 54 34.08 -6.61 0.99
CA SER C 54 35.17 -6.32 1.93
C SER C 54 35.49 -7.50 2.84
N ASP C 55 34.65 -7.67 3.85
CA ASP C 55 34.80 -8.73 4.83
C ASP C 55 34.85 -10.13 4.21
N SER C 56 34.23 -10.29 3.04
CA SER C 56 34.17 -11.58 2.35
C SER C 56 33.39 -12.58 3.23
N GLU C 57 32.36 -12.06 3.87
CA GLU C 57 31.49 -12.84 4.75
C GLU C 57 30.32 -13.31 3.90
N THR C 58 29.77 -14.48 4.20
CA THR C 58 28.66 -14.97 3.40
C THR C 58 27.45 -15.51 4.16
N ARG C 59 26.27 -15.16 3.65
CA ARG C 59 24.99 -15.62 4.19
C ARG C 59 24.24 -16.30 3.03
N LEU C 60 24.21 -17.63 3.01
CA LEU C 60 23.54 -18.34 1.93
C LEU C 60 22.22 -18.98 2.29
N ASN C 61 21.35 -19.05 1.29
CA ASN C 61 20.04 -19.67 1.39
C ASN C 61 20.42 -21.12 1.65
N GLN C 62 19.83 -21.75 2.66
CA GLN C 62 20.17 -23.14 2.94
C GLN C 62 19.98 -24.03 1.72
N LYS C 63 18.95 -23.74 0.94
CA LYS C 63 18.65 -24.51 -0.26
C LYS C 63 19.89 -24.72 -1.12
N PHE C 64 20.66 -23.66 -1.31
CA PHE C 64 21.86 -23.72 -2.13
C PHE C 64 23.19 -23.94 -1.40
N LYS C 65 23.14 -24.39 -0.14
CA LYS C 65 24.36 -24.60 0.64
C LYS C 65 25.39 -25.45 -0.08
N ASP C 66 25.06 -26.71 -0.30
CA ASP C 66 25.96 -27.62 -0.98
C ASP C 66 25.77 -27.51 -2.47
N LYS C 67 25.73 -26.27 -2.97
CA LYS C 67 25.53 -26.05 -4.39
C LYS C 67 26.21 -24.77 -4.81
N ALA C 68 26.07 -23.73 -4.00
CA ALA C 68 26.65 -22.43 -4.32
C ALA C 68 27.84 -22.04 -3.46
N THR C 69 28.71 -21.22 -4.03
CA THR C 69 29.91 -20.76 -3.35
C THR C 69 30.21 -19.38 -3.84
N LEU C 70 30.06 -18.40 -2.96
CA LEU C 70 30.33 -17.03 -3.33
C LEU C 70 31.78 -16.72 -2.97
N THR C 71 32.41 -15.86 -3.76
CA THR C 71 33.80 -15.46 -3.53
C THR C 71 33.99 -14.08 -4.14
N VAL C 72 35.03 -13.37 -3.73
CA VAL C 72 35.23 -12.02 -4.26
C VAL C 72 36.69 -11.56 -4.41
N ASP C 73 36.94 -10.80 -5.47
CA ASP C 73 38.26 -10.25 -5.78
C ASP C 73 38.26 -8.73 -5.65
N ARG C 74 38.92 -8.24 -4.62
CA ARG C 74 38.98 -6.81 -4.36
C ARG C 74 39.75 -6.12 -5.49
N SER C 75 40.75 -6.83 -6.01
CA SER C 75 41.61 -6.34 -7.08
C SER C 75 40.84 -5.79 -8.28
N SER C 76 39.88 -6.56 -8.78
CA SER C 76 39.10 -6.15 -9.94
C SER C 76 37.66 -5.80 -9.60
N SER C 77 37.35 -5.85 -8.31
CA SER C 77 36.01 -5.57 -7.80
C SER C 77 35.00 -6.43 -8.57
N THR C 78 35.25 -7.74 -8.55
CA THR C 78 34.41 -8.71 -9.23
C THR C 78 34.00 -9.87 -8.31
N ALA C 79 32.72 -10.23 -8.35
CA ALA C 79 32.21 -11.33 -7.52
C ALA C 79 32.13 -12.62 -8.31
N TYR C 80 32.18 -13.73 -7.60
CA TYR C 80 32.10 -15.03 -8.23
C TYR C 80 31.13 -15.92 -7.51
N ILE C 81 30.55 -16.84 -8.26
CA ILE C 81 29.66 -17.81 -7.69
C ILE C 81 30.02 -19.09 -8.42
N GLN C 82 30.25 -20.16 -7.67
CA GLN C 82 30.63 -21.43 -8.25
C GLN C 82 29.60 -22.51 -7.96
N LEU C 83 28.91 -22.94 -9.01
CA LEU C 83 27.91 -23.98 -8.84
C LEU C 83 28.60 -25.33 -8.81
N SER C 84 28.33 -26.09 -7.76
CA SER C 84 28.91 -27.41 -7.58
C SER C 84 28.05 -28.50 -8.22
N SER C 85 28.72 -29.42 -8.92
CA SER C 85 28.08 -30.55 -9.60
C SER C 85 26.66 -30.27 -10.06
N PRO C 86 26.51 -29.37 -11.04
CA PRO C 86 25.22 -28.98 -11.61
C PRO C 86 24.44 -30.07 -12.31
N THR C 87 23.13 -29.89 -12.37
CA THR C 87 22.25 -30.83 -13.04
C THR C 87 21.31 -30.02 -13.94
N SER C 88 20.31 -30.70 -14.49
CA SER C 88 19.34 -30.05 -15.36
C SER C 88 18.71 -28.90 -14.60
N GLU C 89 18.32 -29.15 -13.35
CA GLU C 89 17.70 -28.11 -12.53
C GLU C 89 18.45 -26.80 -12.66
N ASP C 90 19.67 -26.81 -12.16
CA ASP C 90 20.53 -25.65 -12.15
C ASP C 90 20.44 -24.76 -13.40
N SER C 91 20.02 -25.31 -14.52
CA SER C 91 19.91 -24.50 -15.72
C SER C 91 18.97 -23.34 -15.43
N ALA C 92 19.47 -22.12 -15.59
CA ALA C 92 18.63 -20.94 -15.35
C ALA C 92 19.34 -19.66 -15.76
N VAL C 93 18.89 -18.56 -15.20
CA VAL C 93 19.49 -17.26 -15.45
C VAL C 93 19.89 -16.76 -14.05
N TYR C 94 21.18 -16.49 -13.88
CA TYR C 94 21.70 -16.03 -12.62
C TYR C 94 22.03 -14.55 -12.66
N TYR C 95 21.61 -13.83 -11.61
CA TYR C 95 21.83 -12.41 -11.50
C TYR C 95 22.62 -12.07 -10.25
N CYS C 96 23.39 -11.00 -10.32
CA CYS C 96 24.10 -10.50 -9.16
C CYS C 96 23.41 -9.17 -9.00
N ALA C 97 23.12 -8.79 -7.77
CA ALA C 97 22.45 -7.54 -7.53
C ALA C 97 22.80 -6.98 -6.19
N ARG C 98 22.84 -5.65 -6.13
CA ARG C 98 23.12 -4.94 -4.91
C ARG C 98 21.77 -4.34 -4.57
N ASP C 99 21.22 -4.72 -3.43
CA ASP C 99 19.94 -4.17 -2.99
C ASP C 99 20.05 -3.63 -1.57
N ASP C 100 20.34 -2.34 -1.45
CA ASP C 100 20.49 -1.70 -0.17
C ASP C 100 20.16 -0.23 -0.25
N TYR C 101 19.86 0.35 0.91
CA TYR C 101 19.52 1.76 1.06
C TYR C 101 20.15 2.70 0.03
N ASP C 102 21.38 2.40 -0.38
CA ASP C 102 22.09 3.22 -1.36
C ASP C 102 21.70 2.92 -2.80
N GLY C 103 20.50 2.37 -2.99
CA GLY C 103 20.03 2.03 -4.32
C GLY C 103 20.22 0.57 -4.64
N ALA C 104 19.38 0.05 -5.54
CA ALA C 104 19.44 -1.34 -5.95
C ALA C 104 19.82 -1.44 -7.42
N PHE C 105 20.88 -2.20 -7.71
CA PHE C 105 21.36 -2.38 -9.08
C PHE C 105 21.64 -3.85 -9.34
N TRP C 106 21.12 -4.35 -10.45
CA TRP C 106 21.31 -5.74 -10.85
C TRP C 106 22.34 -5.90 -11.96
N GLY C 107 22.35 -7.07 -12.60
CA GLY C 107 23.28 -7.32 -13.67
C GLY C 107 22.46 -7.69 -14.89
N GLN C 108 23.11 -7.85 -16.04
CA GLN C 108 22.40 -8.21 -17.25
C GLN C 108 21.96 -9.67 -17.09
N GLY C 109 22.57 -10.35 -16.13
CA GLY C 109 22.23 -11.74 -15.88
C GLY C 109 23.05 -12.61 -16.80
N THR C 110 23.45 -13.78 -16.31
CA THR C 110 24.22 -14.72 -17.11
C THR C 110 23.48 -16.05 -17.15
N LEU C 111 23.04 -16.41 -18.36
CA LEU C 111 22.30 -17.64 -18.58
C LEU C 111 23.22 -18.85 -18.50
N VAL C 112 22.79 -19.86 -17.77
CA VAL C 112 23.56 -21.10 -17.65
C VAL C 112 22.69 -22.23 -18.16
N THR C 113 23.27 -23.07 -19.02
CA THR C 113 22.53 -24.19 -19.59
C THR C 113 23.28 -25.47 -19.32
N VAL C 114 22.65 -26.37 -18.56
CA VAL C 114 23.27 -27.64 -18.23
C VAL C 114 22.66 -28.71 -19.12
N SER C 115 23.52 -29.36 -19.92
CA SER C 115 23.06 -30.40 -20.84
C SER C 115 24.23 -31.06 -21.57
N ALA C 116 24.17 -32.38 -21.66
CA ALA C 116 25.17 -33.18 -22.33
C ALA C 116 24.88 -33.23 -23.83
N ALA C 117 23.78 -32.61 -24.22
CA ALA C 117 23.37 -32.57 -25.61
C ALA C 117 24.49 -32.04 -26.49
N LYS C 118 24.77 -32.75 -27.58
CA LYS C 118 25.79 -32.29 -28.51
C LYS C 118 25.03 -31.63 -29.65
N THR C 119 25.68 -30.73 -30.38
CA THR C 119 25.00 -30.03 -31.47
C THR C 119 24.19 -30.98 -32.35
N THR C 120 22.92 -30.68 -32.52
CA THR C 120 22.05 -31.51 -33.32
C THR C 120 21.07 -30.73 -34.20
N PRO C 121 21.24 -30.84 -35.53
CA PRO C 121 20.35 -30.13 -36.46
C PRO C 121 18.93 -30.63 -36.20
N PRO C 122 17.93 -29.75 -36.34
CA PRO C 122 16.56 -30.17 -36.10
C PRO C 122 16.02 -31.13 -37.14
N SER C 123 14.90 -31.74 -36.77
CA SER C 123 14.20 -32.67 -37.61
C SER C 123 12.86 -31.97 -37.84
N VAL C 124 12.57 -31.65 -39.08
CA VAL C 124 11.35 -30.96 -39.42
C VAL C 124 10.25 -31.87 -39.93
N TYR C 125 9.08 -31.75 -39.33
CA TYR C 125 7.92 -32.55 -39.72
C TYR C 125 6.76 -31.67 -40.15
N PRO C 126 6.07 -32.05 -41.23
CA PRO C 126 4.93 -31.27 -41.73
C PRO C 126 3.64 -31.59 -40.97
N LEU C 127 2.86 -30.57 -40.68
CA LEU C 127 1.59 -30.75 -39.97
C LEU C 127 0.42 -30.38 -40.87
N ALA C 128 -0.05 -31.38 -41.64
CA ALA C 128 -1.17 -31.19 -42.57
C ALA C 128 -2.50 -31.54 -41.90
N PRO C 129 -3.56 -30.77 -42.22
CA PRO C 129 -4.90 -31.01 -41.65
C PRO C 129 -5.32 -32.45 -41.93
N GLY C 130 -6.15 -33.00 -41.06
CA GLY C 130 -6.58 -34.38 -41.25
C GLY C 130 -8.06 -34.61 -41.54
N SER C 131 -8.89 -33.60 -41.30
CA SER C 131 -10.34 -33.74 -41.53
C SER C 131 -11.07 -32.45 -41.95
N ALA C 132 -11.58 -31.73 -40.96
CA ALA C 132 -12.32 -30.49 -41.20
C ALA C 132 -11.46 -29.36 -41.76
N ALA C 133 -11.66 -28.16 -41.22
CA ALA C 133 -10.91 -26.97 -41.63
C ALA C 133 -11.30 -26.55 -43.06
N GLN C 134 -11.75 -27.52 -43.85
CA GLN C 134 -12.15 -27.28 -45.24
C GLN C 134 -13.15 -26.13 -45.37
N THR C 135 -14.37 -26.36 -44.88
CA THR C 135 -15.43 -25.37 -44.92
C THR C 135 -15.35 -24.33 -43.79
N ASN C 136 -14.15 -24.12 -43.27
CA ASN C 136 -13.89 -23.14 -42.21
C ASN C 136 -13.55 -21.81 -42.87
N SER C 137 -13.14 -21.88 -44.14
CA SER C 137 -12.74 -20.73 -44.94
C SER C 137 -11.32 -20.29 -44.56
N MET C 138 -10.87 -20.76 -43.41
CA MET C 138 -9.53 -20.47 -42.91
C MET C 138 -8.98 -21.83 -42.53
N VAL C 139 -7.75 -22.11 -42.95
CA VAL C 139 -7.13 -23.38 -42.64
C VAL C 139 -5.82 -23.15 -41.92
N THR C 140 -5.56 -23.96 -40.90
CA THR C 140 -4.30 -23.80 -40.21
C THR C 140 -3.47 -25.06 -40.41
N LEU C 141 -2.16 -24.84 -40.48
CA LEU C 141 -1.20 -25.91 -40.69
C LEU C 141 0.00 -25.56 -39.83
N GLY C 142 1.03 -26.39 -39.85
CA GLY C 142 2.19 -26.08 -39.04
C GLY C 142 3.34 -27.04 -39.21
N CYS C 143 4.45 -26.73 -38.56
CA CYS C 143 5.64 -27.58 -38.60
C CYS C 143 6.10 -27.90 -37.19
N LEU C 144 6.61 -29.11 -37.04
CA LEU C 144 7.10 -29.55 -35.75
C LEU C 144 8.62 -29.56 -35.86
N VAL C 145 9.29 -28.71 -35.09
CA VAL C 145 10.75 -28.68 -35.12
C VAL C 145 11.19 -29.43 -33.87
N LYS C 146 11.47 -30.72 -34.05
CA LYS C 146 11.83 -31.62 -32.97
C LYS C 146 13.28 -31.95 -32.74
N GLY C 147 13.63 -31.99 -31.46
CA GLY C 147 14.95 -32.36 -31.02
C GLY C 147 16.19 -31.80 -31.68
N TYR C 148 16.41 -30.51 -31.48
CA TYR C 148 17.59 -29.85 -32.01
C TYR C 148 18.34 -29.35 -30.79
N PHE C 149 19.56 -28.88 -31.01
CA PHE C 149 20.37 -28.38 -29.92
C PHE C 149 21.60 -27.77 -30.54
N PRO C 150 22.00 -26.60 -30.07
CA PRO C 150 21.33 -25.85 -29.01
C PRO C 150 20.24 -24.93 -29.59
N ALA C 151 19.61 -24.16 -28.72
CA ALA C 151 18.63 -23.20 -29.19
C ALA C 151 19.53 -22.11 -29.77
N PRO C 152 18.99 -21.25 -30.65
CA PRO C 152 17.60 -21.28 -31.08
C PRO C 152 17.50 -21.75 -32.53
N VAL C 153 16.29 -21.66 -33.06
CA VAL C 153 16.02 -22.01 -34.42
C VAL C 153 15.26 -20.84 -35.05
N THR C 154 15.28 -20.77 -36.37
CA THR C 154 14.59 -19.72 -37.10
C THR C 154 13.47 -20.31 -37.91
N VAL C 155 12.26 -19.80 -37.73
CA VAL C 155 11.14 -20.32 -38.48
C VAL C 155 10.46 -19.21 -39.24
N THR C 156 10.10 -19.49 -40.50
CA THR C 156 9.39 -18.53 -41.33
C THR C 156 8.56 -19.37 -42.31
N TRP C 157 7.60 -18.74 -42.98
CA TRP C 157 6.78 -19.46 -43.93
C TRP C 157 6.89 -18.79 -45.26
N ASN C 158 6.99 -19.60 -46.31
CA ASN C 158 7.10 -19.09 -47.66
C ASN C 158 8.11 -17.97 -47.70
N SER C 159 9.21 -18.22 -47.00
CA SER C 159 10.34 -17.32 -46.95
C SER C 159 9.95 -15.89 -46.61
N GLY C 160 9.21 -15.71 -45.51
CA GLY C 160 8.78 -14.39 -45.09
C GLY C 160 7.51 -13.92 -45.77
N SER C 161 7.22 -14.49 -46.93
CA SER C 161 6.04 -14.14 -47.69
C SER C 161 4.79 -14.24 -46.81
N LEU C 162 4.86 -15.12 -45.81
CA LEU C 162 3.77 -15.32 -44.87
C LEU C 162 4.21 -14.85 -43.50
N SER C 163 3.57 -13.81 -43.00
CA SER C 163 3.93 -13.28 -41.70
C SER C 163 2.76 -13.30 -40.74
N SER C 164 1.61 -12.83 -41.23
CA SER C 164 0.43 -12.77 -40.40
C SER C 164 -0.17 -14.13 -40.19
N GLY C 165 -0.96 -14.27 -39.13
CA GLY C 165 -1.60 -15.54 -38.83
C GLY C 165 -0.61 -16.66 -38.63
N VAL C 166 0.55 -16.31 -38.11
CA VAL C 166 1.59 -17.29 -37.84
C VAL C 166 1.93 -17.29 -36.36
N HIS C 167 2.13 -18.49 -35.82
CA HIS C 167 2.48 -18.62 -34.42
C HIS C 167 3.63 -19.61 -34.21
N THR C 168 4.81 -19.07 -33.92
CA THR C 168 6.00 -19.87 -33.63
C THR C 168 6.14 -19.91 -32.12
N PHE C 169 5.80 -21.06 -31.54
CA PHE C 169 5.82 -21.24 -30.10
C PHE C 169 7.20 -21.33 -29.48
N PRO C 170 7.29 -21.08 -28.17
CA PRO C 170 8.59 -21.15 -27.49
C PRO C 170 9.03 -22.62 -27.42
N ALA C 171 10.30 -22.87 -27.70
CA ALA C 171 10.79 -24.23 -27.65
C ALA C 171 10.66 -24.76 -26.24
N VAL C 172 10.63 -26.08 -26.11
CA VAL C 172 10.52 -26.73 -24.80
C VAL C 172 11.64 -27.75 -24.69
N LEU C 173 11.92 -28.21 -23.47
CA LEU C 173 12.96 -29.20 -23.27
C LEU C 173 12.32 -30.58 -23.31
N GLN C 174 12.79 -31.40 -24.24
CA GLN C 174 12.25 -32.75 -24.42
C GLN C 174 13.41 -33.73 -24.54
N SER C 175 13.69 -34.42 -23.43
CA SER C 175 14.78 -35.42 -23.37
C SER C 175 16.15 -34.79 -23.60
N ASP C 176 16.44 -33.73 -22.86
CA ASP C 176 17.73 -33.06 -22.99
C ASP C 176 17.91 -32.35 -24.34
N LEU C 177 16.84 -32.31 -25.13
CA LEU C 177 16.85 -31.65 -26.44
C LEU C 177 15.71 -30.64 -26.54
N TYR C 178 15.72 -29.84 -27.62
CA TYR C 178 14.69 -28.84 -27.83
C TYR C 178 13.65 -29.24 -28.86
N THR C 179 12.40 -29.01 -28.49
CA THR C 179 11.28 -29.30 -29.35
C THR C 179 10.51 -27.99 -29.46
N LEU C 180 9.86 -27.75 -30.60
CA LEU C 180 9.14 -26.51 -30.82
C LEU C 180 8.18 -26.65 -31.98
N SER C 181 7.24 -25.72 -32.09
CA SER C 181 6.27 -25.78 -33.18
C SER C 181 5.81 -24.40 -33.64
N SER C 182 5.40 -24.31 -34.91
CA SER C 182 4.90 -23.08 -35.49
C SER C 182 3.70 -23.37 -36.38
N SER C 183 2.64 -22.58 -36.23
CA SER C 183 1.44 -22.78 -37.04
C SER C 183 1.18 -21.54 -37.86
N VAL C 184 0.52 -21.72 -39.00
CA VAL C 184 0.19 -20.60 -39.87
C VAL C 184 -1.23 -20.82 -40.40
N THR C 185 -1.99 -19.74 -40.52
CA THR C 185 -3.36 -19.85 -41.01
C THR C 185 -3.50 -19.04 -42.30
N VAL C 186 -4.24 -19.61 -43.26
CA VAL C 186 -4.49 -18.96 -44.55
C VAL C 186 -5.84 -19.45 -44.99
N PRO C 187 -6.45 -18.79 -45.97
CA PRO C 187 -7.77 -19.24 -46.42
C PRO C 187 -7.65 -20.55 -47.21
N SER C 188 -8.78 -21.23 -47.36
CA SER C 188 -8.85 -22.48 -48.10
C SER C 188 -8.66 -22.26 -49.60
N SER C 189 -8.81 -21.02 -50.05
CA SER C 189 -8.62 -20.72 -51.46
C SER C 189 -7.13 -20.53 -51.75
N THR C 190 -6.34 -20.31 -50.70
CA THR C 190 -4.89 -20.12 -50.82
C THR C 190 -4.15 -21.45 -50.75
N TRP C 191 -4.56 -22.31 -49.81
CA TRP C 191 -3.97 -23.65 -49.67
C TRP C 191 -5.12 -24.61 -49.73
N PRO C 192 -4.92 -25.78 -50.34
CA PRO C 192 -3.69 -26.24 -50.96
C PRO C 192 -3.40 -25.71 -52.37
N SER C 193 -4.29 -24.87 -52.89
CA SER C 193 -4.10 -24.30 -54.24
C SER C 193 -2.68 -23.80 -54.46
N GLU C 194 -2.19 -22.99 -53.54
CA GLU C 194 -0.84 -22.48 -53.64
C GLU C 194 0.06 -23.37 -52.78
N THR C 195 1.32 -23.00 -52.62
CA THR C 195 2.22 -23.83 -51.83
C THR C 195 2.70 -23.16 -50.53
N VAL C 196 2.50 -23.86 -49.41
CA VAL C 196 2.91 -23.35 -48.10
C VAL C 196 4.06 -24.18 -47.58
N THR C 197 5.16 -23.51 -47.30
CA THR C 197 6.37 -24.16 -46.82
C THR C 197 6.92 -23.43 -45.61
N CYS C 198 7.32 -24.18 -44.59
CA CYS C 198 7.90 -23.56 -43.41
C CYS C 198 9.41 -23.64 -43.59
N ASN C 199 10.09 -22.52 -43.42
CA ASN C 199 11.52 -22.52 -43.60
C ASN C 199 12.16 -22.47 -42.24
N VAL C 200 12.92 -23.51 -41.90
CA VAL C 200 13.57 -23.55 -40.61
C VAL C 200 15.09 -23.56 -40.72
N ALA C 201 15.73 -22.66 -39.97
CA ALA C 201 17.17 -22.53 -39.95
C ALA C 201 17.68 -22.80 -38.56
N HIS C 202 18.84 -23.44 -38.47
CA HIS C 202 19.41 -23.74 -37.18
C HIS C 202 20.85 -23.27 -37.23
N PRO C 203 21.06 -22.00 -36.90
CA PRO C 203 22.38 -21.36 -36.89
C PRO C 203 23.50 -22.30 -36.46
N ALA C 204 23.46 -22.70 -35.19
CA ALA C 204 24.44 -23.59 -34.60
C ALA C 204 24.95 -24.70 -35.50
N SER C 205 24.18 -25.08 -36.51
CA SER C 205 24.62 -26.14 -37.40
C SER C 205 24.63 -25.73 -38.87
N SER C 206 24.52 -24.43 -39.13
CA SER C 206 24.46 -23.93 -40.51
C SER C 206 23.54 -24.85 -41.31
N THR C 207 22.37 -25.12 -40.73
CA THR C 207 21.38 -25.99 -41.33
C THR C 207 20.25 -25.15 -41.86
N LYS C 208 19.61 -25.62 -42.93
CA LYS C 208 18.51 -24.90 -43.55
C LYS C 208 17.58 -25.85 -44.29
N VAL C 209 16.47 -26.19 -43.66
CA VAL C 209 15.52 -27.10 -44.28
C VAL C 209 14.17 -26.43 -44.40
N ASP C 210 13.45 -26.77 -45.47
CA ASP C 210 12.11 -26.23 -45.70
C ASP C 210 11.19 -27.45 -45.71
N LYS C 211 9.88 -27.24 -45.58
CA LYS C 211 8.95 -28.36 -45.57
C LYS C 211 7.59 -27.99 -46.14
N LYS C 212 7.26 -28.61 -47.27
CA LYS C 212 6.01 -28.39 -47.98
C LYS C 212 4.85 -29.08 -47.27
N ILE C 213 3.81 -28.32 -46.95
CA ILE C 213 2.66 -28.87 -46.27
C ILE C 213 1.61 -29.38 -47.25
N VAL C 214 1.60 -30.69 -47.46
CA VAL C 214 0.66 -31.30 -48.39
C VAL C 214 -0.36 -32.19 -47.68
N PRO C 215 -1.58 -32.28 -48.22
CA PRO C 215 -2.64 -33.11 -47.63
C PRO C 215 -2.36 -34.59 -47.89
N ARG C 216 -3.40 -35.41 -47.72
CA ARG C 216 -3.32 -36.85 -47.98
C ARG C 216 -4.55 -37.58 -47.43
N ASP C 217 -4.38 -38.24 -46.29
CA ASP C 217 -5.45 -39.01 -45.64
C ASP C 217 -5.91 -40.18 -46.52
N CYS C 218 -6.12 -41.33 -45.90
CA CYS C 218 -6.55 -42.53 -46.62
C CYS C 218 -7.90 -42.30 -47.30
N GLU D 38 9.76 -21.80 5.66
CA GLU D 38 10.25 -20.42 5.36
C GLU D 38 9.05 -19.49 5.17
N LEU D 39 9.32 -18.20 4.94
CA LEU D 39 8.24 -17.21 4.78
C LEU D 39 7.53 -17.28 3.42
N VAL D 40 6.20 -17.40 3.48
CA VAL D 40 5.38 -17.49 2.29
C VAL D 40 4.85 -16.13 1.85
N MET D 41 5.14 -15.78 0.60
CA MET D 41 4.65 -14.52 0.05
C MET D 41 3.60 -14.87 -1.01
N THR D 42 2.47 -14.17 -0.97
CA THR D 42 1.40 -14.40 -1.94
C THR D 42 0.98 -13.12 -2.65
N GLN D 43 1.11 -13.11 -3.97
CA GLN D 43 0.72 -11.95 -4.76
C GLN D 43 -0.65 -12.18 -5.36
N SER D 44 -1.38 -11.09 -5.52
CA SER D 44 -2.73 -11.16 -6.04
C SER D 44 -3.02 -9.95 -6.92
N PRO D 45 -3.43 -10.20 -8.18
CA PRO D 45 -3.60 -11.54 -8.75
C PRO D 45 -2.41 -12.06 -9.54
N LEU D 46 -2.55 -13.29 -10.02
CA LEU D 46 -1.52 -13.94 -10.82
C LEU D 46 -1.17 -13.00 -11.97
N THR D 47 -2.19 -12.65 -12.74
CA THR D 47 -2.06 -11.77 -13.89
C THR D 47 -3.21 -10.76 -13.88
N LEU D 48 -2.85 -9.47 -13.85
CA LEU D 48 -3.84 -8.39 -13.83
C LEU D 48 -4.08 -7.84 -15.24
N SER D 49 -5.36 -7.62 -15.59
CA SER D 49 -5.73 -7.11 -16.90
C SER D 49 -5.87 -5.60 -17.02
N VAL D 50 -4.80 -4.86 -16.72
CA VAL D 50 -4.86 -3.40 -16.82
C VAL D 50 -5.27 -2.91 -18.22
N THR D 51 -5.18 -1.60 -18.41
CA THR D 51 -5.52 -0.98 -19.68
C THR D 51 -4.97 0.46 -19.71
N ILE D 52 -4.07 0.73 -20.67
CA ILE D 52 -3.41 2.02 -20.85
C ILE D 52 -4.12 3.26 -20.31
N GLY D 53 -3.36 4.11 -19.62
CA GLY D 53 -3.89 5.34 -19.06
C GLY D 53 -4.65 5.13 -17.76
N GLN D 54 -5.33 3.99 -17.66
CA GLN D 54 -6.12 3.66 -16.49
C GLN D 54 -5.24 3.11 -15.36
N PRO D 55 -5.67 3.29 -14.11
CA PRO D 55 -4.94 2.82 -12.93
C PRO D 55 -5.15 1.34 -12.63
N ALA D 56 -4.21 0.77 -11.88
CA ALA D 56 -4.26 -0.64 -11.49
C ALA D 56 -3.69 -0.80 -10.09
N SER D 57 -3.96 -1.93 -9.47
CA SER D 57 -3.47 -2.21 -8.11
C SER D 57 -3.12 -3.69 -7.92
N ILE D 58 -2.03 -3.95 -7.21
CA ILE D 58 -1.60 -5.32 -6.93
C ILE D 58 -1.35 -5.47 -5.45
N SER D 59 -1.83 -6.58 -4.89
CA SER D 59 -1.68 -6.84 -3.47
C SER D 59 -0.79 -8.03 -3.21
N CYS D 60 0.04 -7.91 -2.20
CA CYS D 60 0.94 -8.97 -1.82
C CYS D 60 0.71 -9.28 -0.33
N LYS D 61 0.90 -10.54 0.05
CA LYS D 61 0.69 -10.95 1.44
C LYS D 61 1.75 -11.94 1.94
N SER D 62 2.11 -11.84 3.22
CA SER D 62 3.12 -12.71 3.83
C SER D 62 2.53 -13.56 4.95
N SER D 63 3.05 -14.78 5.10
CA SER D 63 2.58 -15.70 6.14
C SER D 63 2.78 -15.11 7.54
N GLN D 64 3.97 -14.55 7.79
CA GLN D 64 4.27 -13.93 9.09
C GLN D 64 4.59 -12.46 8.90
N SER D 65 4.37 -11.67 9.95
CA SER D 65 4.61 -10.22 9.89
C SER D 65 6.01 -9.89 9.43
N LEU D 66 6.12 -8.78 8.71
CA LEU D 66 7.42 -8.36 8.20
C LEU D 66 7.94 -7.17 8.99
N LEU D 67 7.18 -6.77 10.01
CA LEU D 67 7.59 -5.65 10.86
C LEU D 67 8.77 -6.15 11.67
N TYR D 68 9.96 -5.63 11.35
CA TYR D 68 11.15 -6.06 12.06
C TYR D 68 11.40 -5.26 13.33
N SER D 69 12.02 -5.92 14.30
CA SER D 69 12.28 -5.29 15.59
C SER D 69 12.86 -3.88 15.60
N ASN D 70 13.48 -3.43 14.50
CA ASN D 70 14.02 -2.07 14.50
C ASN D 70 13.03 -1.02 13.97
N GLY D 71 11.75 -1.36 13.95
CA GLY D 71 10.75 -0.44 13.48
C GLY D 71 10.59 -0.39 11.97
N LYS D 72 11.45 -1.08 11.24
CA LYS D 72 11.35 -1.09 9.78
C LYS D 72 10.64 -2.37 9.33
N THR D 73 10.03 -2.32 8.15
CA THR D 73 9.36 -3.48 7.62
C THR D 73 9.86 -3.67 6.18
N TYR D 74 10.71 -4.68 6.05
CA TYR D 74 11.38 -5.00 4.80
C TYR D 74 10.59 -5.73 3.73
N LEU D 75 9.93 -4.96 2.86
CA LEU D 75 9.17 -5.52 1.74
C LEU D 75 9.44 -4.63 0.54
N ASN D 76 9.89 -5.22 -0.55
CA ASN D 76 10.19 -4.47 -1.76
C ASN D 76 9.36 -4.99 -2.92
N TRP D 77 9.22 -4.13 -3.94
CA TRP D 77 8.49 -4.45 -5.17
C TRP D 77 9.44 -4.27 -6.35
N LEU D 78 9.29 -5.15 -7.33
CA LEU D 78 10.16 -5.10 -8.49
C LEU D 78 9.42 -5.31 -9.80
N LEU D 79 9.86 -4.60 -10.84
CA LEU D 79 9.25 -4.74 -12.15
C LEU D 79 10.25 -5.38 -13.10
N GLN D 80 9.77 -6.36 -13.86
CA GLN D 80 10.60 -7.04 -14.84
C GLN D 80 9.87 -7.09 -16.16
N ARG D 81 10.27 -6.23 -17.10
CA ARG D 81 9.65 -6.20 -18.42
C ARG D 81 10.38 -7.24 -19.28
N PRO D 82 9.69 -7.78 -20.30
CA PRO D 82 10.19 -8.80 -21.23
C PRO D 82 11.68 -8.72 -21.57
N GLY D 83 12.40 -9.82 -21.30
CA GLY D 83 13.81 -9.89 -21.60
C GLY D 83 14.69 -8.83 -20.97
N GLN D 84 14.30 -8.35 -19.79
CA GLN D 84 15.05 -7.33 -19.08
C GLN D 84 15.29 -7.77 -17.65
N SER D 85 16.43 -7.39 -17.08
CA SER D 85 16.72 -7.76 -15.70
C SER D 85 15.72 -7.07 -14.77
N PRO D 86 15.33 -7.75 -13.67
CA PRO D 86 14.38 -7.18 -12.72
C PRO D 86 14.84 -5.77 -12.33
N LYS D 87 13.86 -4.90 -12.07
CA LYS D 87 14.14 -3.52 -11.70
C LYS D 87 13.40 -3.16 -10.42
N ARG D 88 14.12 -2.73 -9.40
CA ARG D 88 13.48 -2.35 -8.15
C ARG D 88 12.78 -1.01 -8.30
N LEU D 89 11.53 -0.95 -7.88
CA LEU D 89 10.76 0.29 -7.97
C LEU D 89 10.61 0.89 -6.59
N ILE D 90 10.19 0.04 -5.64
CA ILE D 90 9.93 0.47 -4.27
C ILE D 90 10.58 -0.40 -3.19
N TYR D 91 11.24 0.26 -2.22
CA TYR D 91 11.84 -0.46 -1.10
C TYR D 91 11.19 0.06 0.18
N LEU D 92 11.34 -0.68 1.27
CA LEU D 92 10.77 -0.33 2.57
C LEU D 92 9.28 0.05 2.48
N VAL D 93 8.52 -0.81 1.80
CA VAL D 93 7.07 -0.66 1.66
C VAL D 93 6.51 0.50 0.85
N SER D 94 7.12 1.68 0.94
CA SER D 94 6.55 2.81 0.23
C SER D 94 7.51 3.85 -0.34
N LYS D 95 8.82 3.68 -0.10
CA LYS D 95 9.78 4.62 -0.63
C LYS D 95 9.99 4.35 -2.12
N LEU D 96 9.95 5.40 -2.94
CA LEU D 96 10.12 5.30 -4.40
C LEU D 96 11.59 5.32 -4.75
N ASP D 97 11.98 4.59 -5.79
CA ASP D 97 13.38 4.59 -6.22
C ASP D 97 13.69 5.77 -7.15
N SER D 98 14.90 6.32 -7.07
CA SER D 98 15.28 7.45 -7.91
C SER D 98 15.21 7.08 -9.39
N GLY D 99 14.60 7.95 -10.19
CA GLY D 99 14.48 7.68 -11.62
C GLY D 99 13.30 6.78 -11.84
N ASP D 100 12.31 6.94 -10.95
CA ASP D 100 11.11 6.15 -10.98
C ASP D 100 9.89 7.05 -11.02
N PRO D 101 9.00 6.84 -12.01
CA PRO D 101 7.79 7.64 -12.17
C PRO D 101 7.10 7.93 -10.84
N ASP D 102 6.43 9.08 -10.77
CA ASP D 102 5.71 9.45 -9.57
C ASP D 102 4.46 8.60 -9.49
N ARG D 103 4.02 8.12 -10.66
CA ARG D 103 2.81 7.32 -10.78
C ARG D 103 2.76 6.11 -9.86
N PHE D 104 3.91 5.57 -9.52
CA PHE D 104 3.95 4.38 -8.67
C PHE D 104 3.83 4.65 -7.19
N THR D 105 2.78 4.13 -6.57
CA THR D 105 2.57 4.31 -5.13
C THR D 105 2.66 2.98 -4.38
N GLY D 106 3.60 2.91 -3.44
CA GLY D 106 3.77 1.70 -2.66
C GLY D 106 3.23 1.93 -1.26
N SER D 107 2.57 0.91 -0.71
CA SER D 107 2.00 1.02 0.62
C SER D 107 1.75 -0.38 1.20
N GLY D 108 1.12 -0.40 2.37
CA GLY D 108 0.80 -1.64 3.05
C GLY D 108 1.38 -1.66 4.45
N SER D 109 1.22 -2.78 5.15
CA SER D 109 1.74 -2.91 6.51
C SER D 109 1.46 -4.30 7.09
N GLY D 110 2.29 -4.72 8.03
CA GLY D 110 2.10 -6.02 8.67
C GLY D 110 2.26 -7.23 7.78
N THR D 111 1.16 -7.72 7.24
CA THR D 111 1.19 -8.87 6.34
C THR D 111 0.49 -8.54 5.03
N ASP D 112 -0.11 -7.36 4.95
CA ASP D 112 -0.82 -6.92 3.74
C ASP D 112 -0.11 -5.74 3.07
N PHE D 113 0.29 -5.92 1.81
CA PHE D 113 0.93 -4.83 1.09
C PHE D 113 0.27 -4.60 -0.24
N THR D 114 0.27 -3.34 -0.65
CA THR D 114 -0.33 -2.97 -1.90
C THR D 114 0.56 -2.04 -2.71
N LEU D 115 0.68 -2.37 -3.99
CA LEU D 115 1.45 -1.59 -4.94
C LEU D 115 0.44 -1.03 -5.96
N LYS D 116 0.40 0.29 -6.11
CA LYS D 116 -0.53 0.92 -7.05
C LYS D 116 0.12 1.80 -8.11
N ILE D 117 -0.56 1.91 -9.24
CA ILE D 117 -0.10 2.72 -10.35
C ILE D 117 -1.22 3.69 -10.71
N SER D 118 -0.89 4.98 -10.75
CA SER D 118 -1.88 6.00 -11.06
C SER D 118 -2.25 6.06 -12.53
N ARG D 119 -1.32 5.69 -13.41
CA ARG D 119 -1.58 5.70 -14.85
C ARG D 119 -0.73 4.62 -15.49
N VAL D 120 -1.37 3.54 -15.96
CA VAL D 120 -0.63 2.46 -16.60
C VAL D 120 -0.17 2.86 -18.00
N GLU D 121 1.03 2.43 -18.37
CA GLU D 121 1.58 2.75 -19.69
C GLU D 121 2.54 1.64 -20.12
N ALA D 122 2.68 1.45 -21.43
CA ALA D 122 3.55 0.43 -22.01
C ALA D 122 4.71 0.02 -21.10
N GLU D 123 5.46 1.01 -20.63
CA GLU D 123 6.61 0.77 -19.77
C GLU D 123 6.22 0.17 -18.43
N ASP D 124 4.96 -0.25 -18.31
CA ASP D 124 4.45 -0.83 -17.07
C ASP D 124 4.02 -2.28 -17.25
N LEU D 125 4.06 -2.78 -18.48
CA LEU D 125 3.68 -4.16 -18.73
C LEU D 125 4.83 -5.10 -18.38
N GLY D 126 4.50 -6.18 -17.70
CA GLY D 126 5.53 -7.12 -17.31
C GLY D 126 5.12 -7.92 -16.08
N ILE D 127 6.10 -8.41 -15.35
CA ILE D 127 5.83 -9.17 -14.15
C ILE D 127 6.34 -8.37 -12.97
N TYR D 128 5.47 -8.16 -11.99
CA TYR D 128 5.86 -7.43 -10.80
C TYR D 128 6.13 -8.46 -9.75
N TYR D 129 7.22 -8.30 -9.03
CA TYR D 129 7.57 -9.25 -8.00
C TYR D 129 7.62 -8.61 -6.63
N CYS D 130 7.18 -9.40 -5.66
CA CYS D 130 7.10 -9.04 -4.27
C CYS D 130 8.22 -9.78 -3.53
N VAL D 131 9.07 -9.04 -2.81
CA VAL D 131 10.17 -9.65 -2.07
C VAL D 131 10.33 -9.09 -0.65
N GLN D 132 10.50 -9.97 0.34
CA GLN D 132 10.66 -9.56 1.74
C GLN D 132 12.03 -9.93 2.35
N GLY D 133 12.45 -9.17 3.37
CA GLY D 133 13.74 -9.44 4.01
C GLY D 133 13.79 -9.30 5.53
N SER D 134 12.68 -9.55 6.21
CA SER D 134 12.68 -9.46 7.66
C SER D 134 12.79 -10.89 8.18
N HIS D 135 12.68 -11.83 7.26
CA HIS D 135 12.79 -13.25 7.59
C HIS D 135 13.82 -13.83 6.67
N PHE D 136 14.69 -14.68 7.22
CA PHE D 136 15.74 -15.28 6.42
C PHE D 136 15.41 -16.71 5.98
N PRO D 137 15.69 -17.04 4.71
CA PRO D 137 16.26 -16.14 3.73
C PRO D 137 15.14 -15.36 3.06
N PRO D 138 15.43 -14.15 2.59
CA PRO D 138 14.42 -13.33 1.94
C PRO D 138 13.69 -14.10 0.83
N THR D 139 12.40 -13.81 0.66
CA THR D 139 11.62 -14.52 -0.35
C THR D 139 10.74 -13.67 -1.28
N PHE D 140 10.37 -14.27 -2.41
CA PHE D 140 9.56 -13.62 -3.43
C PHE D 140 8.18 -14.25 -3.61
N GLY D 141 7.30 -13.51 -4.28
CA GLY D 141 6.00 -14.04 -4.61
C GLY D 141 6.19 -14.51 -6.05
N ALA D 142 5.19 -15.16 -6.65
CA ALA D 142 5.31 -15.66 -8.03
C ALA D 142 5.38 -14.52 -9.05
N GLY D 143 4.95 -13.34 -8.62
CA GLY D 143 4.96 -12.20 -9.48
C GLY D 143 3.57 -12.03 -10.03
N THR D 144 3.19 -10.79 -10.28
CA THR D 144 1.88 -10.47 -10.84
C THR D 144 2.15 -9.83 -12.18
N LYS D 145 1.83 -10.53 -13.26
CA LYS D 145 2.06 -10.00 -14.60
C LYS D 145 0.84 -9.23 -15.11
N LEU D 146 1.10 -8.04 -15.64
CA LEU D 146 0.05 -7.19 -16.18
C LEU D 146 -0.14 -7.42 -17.66
N GLU D 147 -1.37 -7.77 -18.05
CA GLU D 147 -1.71 -8.01 -19.45
C GLU D 147 -2.73 -6.98 -19.89
N LEU D 148 -2.77 -6.71 -21.19
CA LEU D 148 -3.74 -5.76 -21.74
C LEU D 148 -5.12 -6.39 -21.71
N LYS D 149 -6.09 -5.61 -21.28
CA LYS D 149 -7.48 -6.05 -21.17
C LYS D 149 -8.16 -6.06 -22.54
N ARG D 150 -9.09 -6.97 -22.75
CA ARG D 150 -9.85 -7.04 -24.00
C ARG D 150 -11.02 -8.00 -23.95
N ALA D 151 -11.85 -7.96 -24.99
CA ALA D 151 -13.02 -8.83 -25.08
C ALA D 151 -12.51 -10.24 -25.16
N ASP D 152 -13.33 -11.18 -24.72
CA ASP D 152 -12.93 -12.56 -24.76
C ASP D 152 -12.87 -13.03 -26.19
N ALA D 153 -12.51 -14.29 -26.38
CA ALA D 153 -12.39 -14.86 -27.71
C ALA D 153 -12.19 -16.36 -27.59
N ALA D 154 -13.16 -17.14 -28.07
CA ALA D 154 -13.03 -18.59 -28.01
C ALA D 154 -11.79 -18.91 -28.83
N PRO D 155 -11.09 -20.00 -28.50
CA PRO D 155 -9.89 -20.36 -29.25
C PRO D 155 -10.26 -21.10 -30.52
N THR D 156 -9.28 -21.27 -31.41
CA THR D 156 -9.46 -21.99 -32.66
C THR D 156 -8.56 -23.21 -32.57
N VAL D 157 -9.18 -24.36 -32.29
CA VAL D 157 -8.43 -25.60 -32.15
C VAL D 157 -8.26 -26.39 -33.44
N SER D 158 -7.06 -26.93 -33.62
CA SER D 158 -6.72 -27.73 -34.80
C SER D 158 -5.85 -28.85 -34.28
N ILE D 159 -6.05 -30.07 -34.78
CA ILE D 159 -5.23 -31.19 -34.34
C ILE D 159 -4.59 -31.86 -35.54
N PHE D 160 -3.40 -32.40 -35.34
CA PHE D 160 -2.68 -33.05 -36.42
C PHE D 160 -2.10 -34.40 -36.06
N PRO D 161 -2.33 -35.39 -36.91
CA PRO D 161 -1.82 -36.73 -36.66
C PRO D 161 -0.31 -36.66 -36.88
N PRO D 162 0.44 -37.68 -36.45
CA PRO D 162 1.89 -37.65 -36.65
C PRO D 162 2.10 -37.65 -38.15
N SER D 163 3.20 -37.05 -38.62
CA SER D 163 3.46 -37.04 -40.06
C SER D 163 3.97 -38.40 -40.44
N SER D 164 3.92 -38.71 -41.72
CA SER D 164 4.44 -39.99 -42.17
C SER D 164 5.96 -39.96 -42.04
N GLU D 165 6.54 -38.80 -42.31
CA GLU D 165 7.99 -38.63 -42.22
C GLU D 165 8.51 -38.92 -40.82
N GLN D 166 7.70 -38.64 -39.81
CA GLN D 166 8.11 -38.92 -38.44
C GLN D 166 7.95 -40.40 -38.13
N LEU D 167 6.78 -40.94 -38.47
CA LEU D 167 6.48 -42.35 -38.24
C LEU D 167 7.59 -43.19 -38.86
N THR D 168 8.46 -42.53 -39.61
CA THR D 168 9.57 -43.22 -40.24
C THR D 168 10.48 -43.61 -39.09
N SER D 169 10.97 -42.60 -38.37
CA SER D 169 11.86 -42.84 -37.24
C SER D 169 11.18 -43.53 -36.07
N GLY D 170 10.00 -44.10 -36.29
CA GLY D 170 9.31 -44.78 -35.21
C GLY D 170 8.82 -43.88 -34.08
N GLY D 171 8.61 -42.62 -34.40
CA GLY D 171 8.12 -41.68 -33.41
C GLY D 171 6.75 -41.18 -33.81
N ALA D 172 5.96 -40.71 -32.84
CA ALA D 172 4.64 -40.21 -33.16
C ALA D 172 4.28 -39.08 -32.20
N SER D 173 3.89 -37.96 -32.77
CA SER D 173 3.53 -36.80 -31.96
C SER D 173 2.25 -36.22 -32.52
N VAL D 174 1.27 -36.04 -31.64
CA VAL D 174 0.00 -35.49 -32.07
C VAL D 174 0.01 -34.04 -31.65
N VAL D 175 0.04 -33.16 -32.63
CA VAL D 175 0.10 -31.74 -32.32
C VAL D 175 -1.25 -31.07 -32.36
N CYS D 176 -1.49 -30.25 -31.34
CA CYS D 176 -2.74 -29.52 -31.22
C CYS D 176 -2.48 -28.04 -30.99
N PHE D 177 -3.23 -27.22 -31.70
CA PHE D 177 -3.10 -25.78 -31.58
C PHE D 177 -4.38 -25.21 -31.03
N LEU D 178 -4.25 -24.17 -30.23
CA LEU D 178 -5.38 -23.47 -29.63
C LEU D 178 -4.92 -22.03 -29.73
N ASN D 179 -5.37 -21.34 -30.77
CA ASN D 179 -4.90 -19.97 -31.00
C ASN D 179 -5.81 -18.79 -30.76
N ASN D 180 -5.14 -17.67 -30.55
CA ASN D 180 -5.77 -16.37 -30.35
C ASN D 180 -7.00 -16.34 -29.44
N PHE D 181 -7.02 -17.18 -28.43
CA PHE D 181 -8.16 -17.19 -27.52
C PHE D 181 -7.90 -16.13 -26.50
N TYR D 182 -8.86 -15.95 -25.60
CA TYR D 182 -8.77 -14.98 -24.52
C TYR D 182 -9.98 -15.13 -23.62
N PRO D 183 -9.78 -15.01 -22.30
CA PRO D 183 -8.51 -14.75 -21.63
C PRO D 183 -7.57 -15.96 -21.49
N LYS D 184 -6.33 -15.64 -21.10
CA LYS D 184 -5.25 -16.61 -20.92
C LYS D 184 -5.67 -17.95 -20.29
N ASP D 185 -6.39 -17.88 -19.17
CA ASP D 185 -6.85 -19.07 -18.46
C ASP D 185 -7.51 -20.11 -19.39
N ILE D 186 -6.98 -21.33 -19.39
CA ILE D 186 -7.53 -22.39 -20.22
C ILE D 186 -7.16 -23.78 -19.69
N ASN D 187 -7.99 -24.77 -19.97
CA ASN D 187 -7.76 -26.11 -19.49
C ASN D 187 -7.76 -27.09 -20.64
N VAL D 188 -6.57 -27.51 -21.05
CA VAL D 188 -6.40 -28.44 -22.15
C VAL D 188 -6.09 -29.88 -21.74
N LYS D 189 -6.87 -30.83 -22.24
CA LYS D 189 -6.68 -32.24 -21.92
C LYS D 189 -6.53 -33.12 -23.17
N TRP D 190 -5.78 -34.21 -23.04
CA TRP D 190 -5.57 -35.14 -24.15
C TRP D 190 -6.28 -36.47 -23.87
N LYS D 191 -7.10 -36.91 -24.81
CA LYS D 191 -7.83 -38.16 -24.65
C LYS D 191 -7.51 -39.13 -25.76
N ILE D 192 -7.41 -40.41 -25.41
CA ILE D 192 -7.13 -41.47 -26.38
C ILE D 192 -8.19 -42.57 -26.27
N ASP D 193 -9.08 -42.64 -27.26
CA ASP D 193 -10.17 -43.61 -27.23
C ASP D 193 -10.83 -43.45 -25.88
N GLY D 194 -11.16 -42.20 -25.54
CA GLY D 194 -11.77 -41.92 -24.25
C GLY D 194 -10.70 -41.80 -23.17
N SER D 195 -11.12 -41.58 -21.94
CA SER D 195 -10.21 -41.44 -20.79
C SER D 195 -9.38 -40.17 -20.90
N GLU D 196 -8.17 -40.21 -20.36
CA GLU D 196 -7.29 -39.05 -20.44
C GLU D 196 -5.88 -39.55 -20.69
N ARG D 197 -4.93 -38.63 -20.72
CA ARG D 197 -3.53 -38.99 -20.95
C ARG D 197 -2.63 -37.76 -20.79
N GLN D 198 -1.52 -37.96 -20.07
CA GLN D 198 -0.54 -36.89 -19.86
C GLN D 198 0.89 -37.42 -19.82
N ASN D 199 1.22 -38.26 -20.80
CA ASN D 199 2.57 -38.83 -20.92
C ASN D 199 3.11 -38.30 -22.23
N GLY D 200 4.37 -37.91 -22.25
CA GLY D 200 4.94 -37.40 -23.48
C GLY D 200 4.19 -36.17 -23.96
N VAL D 201 3.34 -35.62 -23.08
CA VAL D 201 2.56 -34.43 -23.37
C VAL D 201 3.41 -33.19 -23.03
N LEU D 202 3.34 -32.17 -23.88
CA LEU D 202 4.10 -30.94 -23.67
C LEU D 202 3.31 -29.75 -24.19
N ASN D 203 3.41 -28.63 -23.51
CA ASN D 203 2.68 -27.43 -23.90
C ASN D 203 3.59 -26.23 -24.02
N SER D 204 3.19 -25.24 -24.79
CA SER D 204 3.97 -24.02 -24.97
C SER D 204 3.04 -22.84 -25.20
N TRP D 205 3.25 -21.74 -24.47
CA TRP D 205 2.39 -20.57 -24.60
C TRP D 205 3.10 -19.35 -25.16
N THR D 206 2.51 -18.72 -26.17
CA THR D 206 3.09 -17.52 -26.74
C THR D 206 2.73 -16.38 -25.80
N ASP D 207 3.49 -15.30 -25.85
CA ASP D 207 3.15 -14.17 -24.99
C ASP D 207 1.89 -13.59 -25.58
N GLN D 208 1.32 -12.58 -24.93
CA GLN D 208 0.10 -11.98 -25.44
C GLN D 208 0.43 -11.34 -26.79
N ASP D 209 -0.40 -11.58 -27.79
CA ASP D 209 -0.12 -11.01 -29.09
C ASP D 209 -0.06 -9.48 -29.09
N SER D 210 1.05 -8.94 -29.57
CA SER D 210 1.26 -7.50 -29.64
C SER D 210 0.18 -6.87 -30.51
N LYS D 211 -0.28 -7.65 -31.48
CA LYS D 211 -1.29 -7.23 -32.45
C LYS D 211 -2.70 -7.19 -31.85
N ASP D 212 -3.20 -8.37 -31.47
CA ASP D 212 -4.56 -8.49 -30.94
C ASP D 212 -4.74 -8.95 -29.49
N SER D 213 -3.76 -8.69 -28.64
CA SER D 213 -3.86 -9.07 -27.24
C SER D 213 -4.47 -10.44 -26.93
N THR D 214 -4.28 -11.43 -27.81
CA THR D 214 -4.82 -12.77 -27.53
C THR D 214 -3.70 -13.67 -27.03
N TYR D 215 -4.05 -14.93 -26.80
CA TYR D 215 -3.07 -15.90 -26.36
C TYR D 215 -3.20 -17.16 -27.19
N SER D 216 -2.07 -17.70 -27.61
CA SER D 216 -2.09 -18.93 -28.38
C SER D 216 -1.34 -19.97 -27.58
N MET D 217 -1.66 -21.24 -27.83
CA MET D 217 -1.03 -22.33 -27.10
C MET D 217 -0.82 -23.60 -27.91
N SER D 218 0.29 -24.27 -27.65
CA SER D 218 0.62 -25.52 -28.30
C SER D 218 0.58 -26.64 -27.26
N SER D 219 0.30 -27.86 -27.71
CA SER D 219 0.26 -29.01 -26.82
C SER D 219 0.64 -30.22 -27.67
N THR D 220 1.79 -30.81 -27.37
CA THR D 220 2.24 -31.94 -28.15
C THR D 220 2.19 -33.25 -27.37
N LEU D 221 1.70 -34.31 -28.02
CA LEU D 221 1.62 -35.62 -27.39
C LEU D 221 2.58 -36.51 -28.16
N THR D 222 3.71 -36.83 -27.53
CA THR D 222 4.72 -37.65 -28.17
C THR D 222 4.67 -39.07 -27.63
N LEU D 223 4.37 -40.02 -28.51
CA LEU D 223 4.28 -41.41 -28.11
C LEU D 223 5.32 -42.23 -28.84
N THR D 224 5.30 -43.53 -28.62
CA THR D 224 6.24 -44.40 -29.30
C THR D 224 5.46 -44.85 -30.52
N LYS D 225 6.15 -45.16 -31.62
CA LYS D 225 5.48 -45.59 -32.84
C LYS D 225 4.41 -46.65 -32.53
N ASP D 226 4.79 -47.65 -31.76
CA ASP D 226 3.89 -48.73 -31.37
C ASP D 226 2.82 -48.20 -30.43
N GLU D 227 3.24 -47.43 -29.42
CA GLU D 227 2.31 -46.87 -28.46
C GLU D 227 1.17 -46.18 -29.20
N TYR D 228 1.52 -45.46 -30.27
CA TYR D 228 0.55 -44.75 -31.09
C TYR D 228 -0.36 -45.73 -31.80
N GLU D 229 0.23 -46.81 -32.32
CA GLU D 229 -0.53 -47.80 -33.05
C GLU D 229 -1.54 -48.54 -32.16
N ARG D 230 -1.21 -48.73 -30.88
CA ARG D 230 -2.10 -49.43 -29.97
C ARG D 230 -3.35 -48.60 -29.65
N HIS D 231 -3.73 -47.71 -30.55
CA HIS D 231 -4.90 -46.88 -30.33
C HIS D 231 -5.55 -46.46 -31.63
N ASN D 232 -6.75 -45.89 -31.54
CA ASN D 232 -7.46 -45.51 -32.73
C ASN D 232 -7.99 -44.07 -32.74
N SER D 233 -8.37 -43.56 -31.58
CA SER D 233 -8.92 -42.21 -31.48
C SER D 233 -8.06 -41.25 -30.65
N TYR D 234 -7.76 -40.08 -31.22
CA TYR D 234 -6.96 -39.08 -30.51
C TYR D 234 -7.71 -37.78 -30.44
N THR D 235 -7.88 -37.28 -29.23
CA THR D 235 -8.63 -36.05 -29.05
C THR D 235 -7.87 -34.99 -28.26
N CYS D 236 -8.22 -33.74 -28.55
CA CYS D 236 -7.63 -32.58 -27.91
C CYS D 236 -8.83 -31.76 -27.42
N GLU D 237 -9.13 -31.91 -26.14
CA GLU D 237 -10.26 -31.24 -25.48
C GLU D 237 -9.77 -30.05 -24.65
N ALA D 238 -10.50 -28.93 -24.72
CA ALA D 238 -10.12 -27.73 -23.97
C ALA D 238 -11.30 -26.97 -23.40
N THR D 239 -11.24 -26.68 -22.10
CA THR D 239 -12.29 -25.94 -21.44
C THR D 239 -11.89 -24.48 -21.35
N HIS D 240 -12.74 -23.60 -21.87
CA HIS D 240 -12.48 -22.16 -21.82
C HIS D 240 -13.75 -21.47 -21.37
N LYS D 241 -13.62 -20.25 -20.86
CA LYS D 241 -14.77 -19.49 -20.37
C LYS D 241 -15.65 -18.93 -21.47
N THR D 242 -15.55 -19.50 -22.67
CA THR D 242 -16.34 -19.02 -23.80
C THR D 242 -17.26 -20.13 -24.32
N SER D 243 -17.21 -21.28 -23.68
CA SER D 243 -18.03 -22.39 -24.12
C SER D 243 -18.46 -23.24 -22.95
N THR D 244 -19.75 -23.17 -22.61
CA THR D 244 -20.31 -23.95 -21.51
C THR D 244 -20.11 -25.41 -21.86
N SER D 245 -19.63 -25.63 -23.08
CA SER D 245 -19.38 -26.96 -23.59
C SER D 245 -17.92 -27.14 -23.97
N PRO D 246 -17.39 -28.35 -23.78
CA PRO D 246 -15.99 -28.63 -24.11
C PRO D 246 -15.68 -28.46 -25.60
N ILE D 247 -14.79 -27.54 -25.93
CA ILE D 247 -14.39 -27.33 -27.31
C ILE D 247 -13.60 -28.59 -27.65
N VAL D 248 -14.10 -29.38 -28.59
CA VAL D 248 -13.44 -30.64 -28.94
C VAL D 248 -13.05 -30.83 -30.39
N LYS D 249 -11.80 -31.23 -30.58
CA LYS D 249 -11.27 -31.51 -31.90
C LYS D 249 -10.56 -32.85 -31.78
N SER D 250 -11.08 -33.84 -32.48
CA SER D 250 -10.50 -35.17 -32.44
C SER D 250 -10.30 -35.69 -33.85
N PHE D 251 -9.59 -36.80 -33.95
CA PHE D 251 -9.34 -37.43 -35.23
C PHE D 251 -9.08 -38.89 -34.96
N ASN D 252 -9.76 -39.74 -35.71
CA ASN D 252 -9.58 -41.17 -35.56
C ASN D 252 -8.70 -41.61 -36.72
N ARG D 253 -7.49 -42.03 -36.41
CA ARG D 253 -6.58 -42.49 -37.45
C ARG D 253 -7.13 -43.71 -38.15
N ASN D 254 -8.37 -43.58 -38.60
CA ASN D 254 -9.13 -44.62 -39.31
C ASN D 254 -8.59 -46.01 -39.02
#